data_5S7S
#
_entry.id   5S7S
#
_cell.length_a   127.215
_cell.length_b   84.801
_cell.length_c   88.072
_cell.angle_alpha   90.000
_cell.angle_beta   130.960
_cell.angle_gamma   90.000
#
_symmetry.space_group_name_H-M   'C 1 2 1'
#
loop_
_entity.id
_entity.type
_entity.pdbx_description
1 polymer 'Activin receptor type-1'
2 non-polymer 4-methyl-3-[4-(1-methylpiperidin-4-yl)phenyl]-5-(3,4,5-trimethoxyphenyl)pyridine
3 non-polymer 1,2-ETHANEDIOL
4 non-polymer 'DIMETHYL SULFOXIDE'
5 non-polymer 'L(+)-TARTARIC ACID'
6 non-polymer cyclopropylmethanol
7 non-polymer 'SULFATE ION'
8 water water
#
_entity_poly.entity_id   1
_entity_poly.type   'polypeptide(L)'
_entity_poly.pdbx_seq_one_letter_code
;SMQRTVARDITLLECVGKGRYGEVWRGSWQGENVAVKIFSSRDEKSWFRETELYNTVMLRHENILGFIASDMTSRHSSTQ
LWLITHYHEMGSLYDYLQLTTLDTVSCLRIVLSIASGLAHLHIEIFGTQGKPAIAHRDLKSKNILVKKNGQCCIADLGLA
VMHSQSTNQLDVGNNPRVGTKRYMAPEVLDETIQVDCFDSYKRVDIWAFGLVLWEVARRMVSNGIVEDYKPPFYDVVPND
PSFEDMRKVVCVDQQRPNIPNRWFSDPTLTSLAKLMKECWYQNPSARLTALRIKKTLTKID
;
_entity_poly.pdbx_strand_id   A,B
#
loop_
_chem_comp.id
_chem_comp.type
_chem_comp.name
_chem_comp.formula
09V non-polymer cyclopropylmethanol 'C4 H8 O'
DMS non-polymer 'DIMETHYL SULFOXIDE' 'C2 H6 O S'
EDO non-polymer 1,2-ETHANEDIOL 'C2 H6 O2'
LU8 non-polymer 4-methyl-3-[4-(1-methylpiperidin-4-yl)phenyl]-5-(3,4,5-trimethoxyphenyl)pyridine 'C27 H32 N2 O3'
SO4 non-polymer 'SULFATE ION' 'O4 S -2'
TLA non-polymer 'L(+)-TARTARIC ACID' 'C4 H6 O6'
#
# COMPACT_ATOMS: atom_id res chain seq x y z
N ARG A 4 -12.04 39.74 7.49
CA ARG A 4 -12.23 39.15 6.14
C ARG A 4 -13.70 38.76 5.92
N THR A 5 -14.12 38.73 4.67
CA THR A 5 -15.43 38.23 4.22
C THR A 5 -15.37 36.72 4.18
N VAL A 6 -16.35 36.06 4.80
CA VAL A 6 -16.51 34.59 4.71
C VAL A 6 -17.78 34.36 3.90
N ALA A 7 -17.60 34.11 2.60
CA ALA A 7 -18.70 33.84 1.67
C ALA A 7 -19.24 32.43 1.91
N ARG A 8 -20.49 32.35 2.34
CA ARG A 8 -21.16 31.08 2.71
C ARG A 8 -22.37 30.83 1.84
N ASP A 9 -22.81 31.83 1.07
CA ASP A 9 -24.03 31.63 0.26
C ASP A 9 -23.73 30.53 -0.77
N ILE A 10 -24.64 29.57 -0.88
CA ILE A 10 -24.66 28.60 -1.99
C ILE A 10 -25.98 28.79 -2.75
N THR A 11 -25.89 29.01 -4.04
CA THR A 11 -27.08 29.09 -4.93
C THR A 11 -27.52 27.66 -5.25
N LEU A 12 -28.69 27.24 -4.80
CA LEU A 12 -29.22 25.89 -5.11
C LEU A 12 -29.86 25.97 -6.49
N LEU A 13 -29.39 25.21 -7.45
CA LEU A 13 -29.80 25.38 -8.88
C LEU A 13 -30.75 24.28 -9.31
N GLU A 14 -30.49 23.02 -8.98
CA GLU A 14 -31.44 21.96 -9.41
C GLU A 14 -31.36 20.75 -8.50
N CYS A 15 -32.49 20.14 -8.21
CA CYS A 15 -32.54 18.93 -7.40
C CYS A 15 -32.12 17.76 -8.30
N VAL A 16 -31.10 17.03 -7.86
CA VAL A 16 -30.59 15.84 -8.59
C VAL A 16 -30.87 14.54 -7.86
N GLY A 17 -31.56 14.58 -6.72
CA GLY A 17 -31.89 13.35 -5.99
C GLY A 17 -32.83 13.67 -4.87
N LYS A 18 -33.78 12.76 -4.62
CA LYS A 18 -34.71 12.87 -3.49
C LYS A 18 -34.89 11.44 -2.99
N GLY A 19 -35.11 11.29 -1.69
CA GLY A 19 -35.38 10.01 -1.04
C GLY A 19 -35.80 10.24 0.39
N ARG A 20 -35.80 9.17 1.17
CA ARG A 20 -36.10 9.23 2.61
C ARG A 20 -35.00 10.06 3.27
N TYR A 21 -33.76 10.03 2.76
CA TYR A 21 -32.62 10.74 3.39
C TYR A 21 -32.84 12.26 3.33
N GLY A 22 -33.69 12.77 2.42
CA GLY A 22 -33.77 14.19 2.08
C GLY A 22 -33.57 14.42 0.60
N GLU A 23 -32.80 15.44 0.23
CA GLU A 23 -32.58 15.80 -1.18
C GLU A 23 -31.12 16.08 -1.46
N VAL A 24 -30.64 15.86 -2.69
CA VAL A 24 -29.34 16.40 -3.14
C VAL A 24 -29.59 17.43 -4.24
N TRP A 25 -28.87 18.53 -4.15
CA TRP A 25 -28.95 19.67 -5.09
C TRP A 25 -27.61 19.90 -5.73
N ARG A 26 -27.61 20.18 -7.02
CA ARG A 26 -26.50 20.90 -7.65
C ARG A 26 -26.56 22.33 -7.18
N GLY A 27 -25.45 22.86 -6.67
CA GLY A 27 -25.39 24.24 -6.24
C GLY A 27 -24.17 24.90 -6.81
N SER A 28 -24.07 26.20 -6.54
CA SER A 28 -22.93 27.01 -7.00
C SER A 28 -22.37 27.76 -5.79
N TRP A 29 -21.07 27.69 -5.59
CA TRP A 29 -20.33 28.54 -4.63
C TRP A 29 -19.18 29.21 -5.35
N GLN A 30 -19.15 30.54 -5.39
CA GLN A 30 -18.03 31.30 -6.01
C GLN A 30 -17.78 30.80 -7.44
N GLY A 31 -18.84 30.54 -8.19
CA GLY A 31 -18.76 30.17 -9.61
C GLY A 31 -18.49 28.69 -9.85
N GLU A 32 -18.42 27.86 -8.79
CA GLU A 32 -17.98 26.44 -8.87
C GLU A 32 -19.15 25.55 -8.49
N ASN A 33 -19.37 24.47 -9.22
CA ASN A 33 -20.46 23.53 -8.87
C ASN A 33 -20.08 22.82 -7.55
N VAL A 34 -21.06 22.68 -6.70
CA VAL A 34 -20.97 21.85 -5.47
C VAL A 34 -22.23 21.01 -5.42
N ALA A 35 -22.22 19.92 -4.66
CA ALA A 35 -23.38 19.09 -4.37
C ALA A 35 -23.77 19.39 -2.93
N VAL A 36 -25.07 19.60 -2.69
CA VAL A 36 -25.57 19.91 -1.33
C VAL A 36 -26.58 18.85 -0.96
N LYS A 37 -26.28 18.01 0.00
CA LYS A 37 -27.23 17.03 0.56
C LYS A 37 -27.94 17.71 1.72
N ILE A 38 -29.24 17.87 1.63
CA ILE A 38 -30.09 18.47 2.69
C ILE A 38 -30.75 17.31 3.38
N PHE A 39 -30.51 17.08 4.65
CA PHE A 39 -31.00 15.86 5.35
C PHE A 39 -32.43 16.07 5.85
N SER A 40 -33.25 15.03 5.69
CA SER A 40 -34.54 14.95 6.41
C SER A 40 -34.27 14.85 7.91
N SER A 41 -35.26 15.26 8.70
CA SER A 41 -35.21 15.05 10.17
C SER A 41 -35.01 13.56 10.48
N ARG A 42 -35.59 12.68 9.66
CA ARG A 42 -35.61 11.23 9.90
C ARG A 42 -34.19 10.68 9.78
N ASP A 43 -33.30 11.35 9.06
CA ASP A 43 -31.95 10.79 8.80
C ASP A 43 -30.85 11.71 9.34
N GLU A 44 -31.14 12.46 10.38
CA GLU A 44 -30.14 13.34 11.01
C GLU A 44 -28.93 12.52 11.43
N LYS A 45 -29.05 11.28 11.88
CA LYS A 45 -27.90 10.59 12.44
C LYS A 45 -26.86 10.30 11.35
N SER A 46 -27.27 10.22 10.10
CA SER A 46 -26.33 10.03 8.96
C SER A 46 -25.48 11.30 8.82
N TRP A 47 -26.05 12.48 8.95
CA TRP A 47 -25.25 13.73 8.92
C TRP A 47 -24.27 13.70 10.07
N PHE A 48 -24.73 13.40 11.28
CA PHE A 48 -23.83 13.38 12.45
C PHE A 48 -22.69 12.39 12.27
N ARG A 49 -22.96 11.18 11.75
CA ARG A 49 -21.90 10.15 11.63
C ARG A 49 -20.87 10.57 10.57
N GLU A 50 -21.32 11.09 9.44
CA GLU A 50 -20.36 11.48 8.39
C GLU A 50 -19.53 12.67 8.90
N THR A 51 -20.19 13.61 9.57
CA THR A 51 -19.52 14.76 10.16
C THR A 51 -18.52 14.28 11.20
N GLU A 52 -18.93 13.39 12.10
CA GLU A 52 -17.98 12.91 13.14
C GLU A 52 -16.77 12.24 12.48
N LEU A 53 -16.99 11.48 11.41
CA LEU A 53 -15.86 10.80 10.74
C LEU A 53 -14.90 11.83 10.17
N TYR A 54 -15.42 12.82 9.43
CA TYR A 54 -14.56 13.84 8.80
C TYR A 54 -13.89 14.73 9.83
N ASN A 55 -14.47 14.91 11.02
CA ASN A 55 -13.83 15.64 12.11
C ASN A 55 -12.72 14.80 12.70
N THR A 56 -12.75 13.49 12.55
CA THR A 56 -11.70 12.56 13.03
C THR A 56 -10.58 12.45 11.99
N VAL A 57 -10.94 12.30 10.72
CA VAL A 57 -9.95 12.11 9.64
C VAL A 57 -10.47 12.81 8.40
N MET A 58 -9.71 13.74 7.86
CA MET A 58 -10.09 14.44 6.61
C MET A 58 -9.67 13.58 5.42
N LEU A 59 -10.58 12.68 5.03
CA LEU A 59 -10.26 11.76 3.93
C LEU A 59 -10.02 12.57 2.69
N ARG A 60 -8.97 12.25 1.95
CA ARG A 60 -8.68 12.89 0.66
C ARG A 60 -8.17 11.83 -0.28
N HIS A 61 -8.98 11.40 -1.23
CA HIS A 61 -8.59 10.30 -2.13
C HIS A 61 -9.38 10.48 -3.41
N GLU A 62 -8.78 10.20 -4.54
CA GLU A 62 -9.43 10.41 -5.85
C GLU A 62 -10.69 9.57 -6.00
N ASN A 63 -10.82 8.47 -5.27
CA ASN A 63 -11.98 7.57 -5.41
C ASN A 63 -12.93 7.62 -4.20
N ILE A 64 -12.82 8.69 -3.41
N ILE A 64 -12.85 8.69 -3.43
CA ILE A 64 -13.76 9.04 -2.31
CA ILE A 64 -13.83 9.01 -2.36
C ILE A 64 -14.38 10.40 -2.65
C ILE A 64 -14.38 10.39 -2.63
N LEU A 65 -15.71 10.52 -2.58
CA LEU A 65 -16.35 11.82 -2.89
C LEU A 65 -15.73 12.91 -2.03
N GLY A 66 -15.37 14.00 -2.65
CA GLY A 66 -14.59 15.04 -1.94
C GLY A 66 -15.41 15.86 -1.00
N PHE A 67 -15.04 15.83 0.27
CA PHE A 67 -15.72 16.66 1.28
C PHE A 67 -15.38 18.13 1.09
N ILE A 68 -16.38 18.98 1.26
CA ILE A 68 -16.18 20.46 1.34
C ILE A 68 -16.64 20.95 2.72
N ALA A 69 -17.84 20.62 3.16
CA ALA A 69 -18.33 21.20 4.40
C ALA A 69 -19.49 20.42 5.02
N SER A 70 -19.63 20.51 6.32
CA SER A 70 -20.82 20.11 7.09
C SER A 70 -21.39 21.37 7.73
N ASP A 71 -22.66 21.64 7.50
CA ASP A 71 -23.32 22.87 7.99
C ASP A 71 -24.55 22.52 8.79
N MET A 72 -24.61 23.05 9.99
CA MET A 72 -25.84 23.05 10.82
C MET A 72 -26.32 24.50 10.99
N THR A 73 -27.55 24.79 10.60
CA THR A 73 -28.12 26.14 10.74
C THR A 73 -29.40 26.10 11.57
N SER A 74 -29.49 26.95 12.60
CA SER A 74 -30.68 27.09 13.46
C SER A 74 -31.80 27.73 12.63
N ARG A 75 -32.96 27.09 12.63
CA ARG A 75 -34.19 27.65 12.01
C ARG A 75 -35.20 27.93 13.13
N HIS A 76 -36.32 28.58 12.80
CA HIS A 76 -37.35 29.01 13.79
C HIS A 76 -37.68 27.85 14.73
N SER A 77 -37.99 26.67 14.17
CA SER A 77 -38.61 25.51 14.86
C SER A 77 -37.82 24.22 14.66
N SER A 78 -36.66 24.26 13.97
CA SER A 78 -35.94 23.04 13.52
C SER A 78 -34.46 23.37 13.32
N THR A 79 -33.66 22.33 13.06
CA THR A 79 -32.24 22.45 12.68
C THR A 79 -32.08 22.00 11.23
N GLN A 80 -31.40 22.76 10.38
CA GLN A 80 -31.14 22.39 8.97
C GLN A 80 -29.74 21.81 8.90
N LEU A 81 -29.59 20.65 8.28
CA LEU A 81 -28.30 19.94 8.18
C LEU A 81 -27.98 19.75 6.73
N TRP A 82 -26.82 20.28 6.33
CA TRP A 82 -26.34 20.15 4.95
C TRP A 82 -24.96 19.49 4.96
N LEU A 83 -24.71 18.64 3.98
CA LEU A 83 -23.38 18.12 3.66
C LEU A 83 -23.06 18.65 2.27
N ILE A 84 -21.93 19.30 2.13
CA ILE A 84 -21.49 19.91 0.86
C ILE A 84 -20.27 19.15 0.37
N THR A 85 -20.33 18.69 -0.88
CA THR A 85 -19.23 17.90 -1.48
C THR A 85 -18.95 18.43 -2.88
N HIS A 86 -17.91 17.90 -3.49
N HIS A 86 -17.88 17.91 -3.47
CA HIS A 86 -17.73 18.12 -4.93
CA HIS A 86 -17.64 17.95 -4.93
C HIS A 86 -18.92 17.53 -5.69
C HIS A 86 -18.92 17.51 -5.69
N TYR A 87 -19.12 18.06 -6.88
CA TYR A 87 -20.26 17.72 -7.74
C TYR A 87 -19.75 16.92 -8.93
N HIS A 88 -20.40 15.79 -9.21
CA HIS A 88 -20.03 14.94 -10.37
C HIS A 88 -21.21 14.92 -11.34
N GLU A 89 -21.04 15.71 -12.40
CA GLU A 89 -22.19 15.96 -13.29
C GLU A 89 -22.69 14.69 -14.00
N MET A 90 -21.88 13.64 -14.15
CA MET A 90 -22.32 12.40 -14.81
C MET A 90 -23.22 11.57 -13.92
N GLY A 91 -23.32 11.89 -12.64
CA GLY A 91 -24.23 11.24 -11.72
C GLY A 91 -23.72 9.92 -11.21
N SER A 92 -24.61 9.10 -10.69
CA SER A 92 -24.22 7.85 -10.03
C SER A 92 -23.93 6.78 -11.06
N LEU A 93 -23.14 5.81 -10.65
CA LEU A 93 -22.90 4.59 -11.46
C LEU A 93 -24.21 3.90 -11.82
N TYR A 94 -25.15 3.83 -10.88
CA TYR A 94 -26.47 3.24 -11.14
C TYR A 94 -27.12 3.95 -12.34
N ASP A 95 -27.12 5.27 -12.41
N ASP A 95 -27.03 5.29 -12.33
CA ASP A 95 -27.80 5.89 -13.58
CA ASP A 95 -27.61 6.19 -13.37
C ASP A 95 -26.92 5.73 -14.83
C ASP A 95 -26.93 5.87 -14.71
N TYR A 96 -25.61 5.86 -14.68
CA TYR A 96 -24.72 5.77 -15.84
C TYR A 96 -24.94 4.44 -16.54
N LEU A 97 -25.04 3.36 -15.77
CA LEU A 97 -25.15 2.01 -16.38
C LEU A 97 -26.50 1.80 -17.07
N GLN A 98 -27.50 2.61 -16.79
CA GLN A 98 -28.83 2.37 -17.37
C GLN A 98 -28.79 2.47 -18.88
N LEU A 99 -28.00 3.51 -19.29
N LEU A 99 -28.10 3.42 -19.49
CA LEU A 99 -27.91 4.27 -20.59
CA LEU A 99 -28.07 3.42 -20.97
C LEU A 99 -26.60 4.05 -21.35
C LEU A 99 -26.65 3.24 -21.52
N THR A 100 -25.59 3.42 -20.73
CA THR A 100 -24.24 3.34 -21.28
C THR A 100 -23.79 1.87 -21.28
N THR A 101 -23.18 1.42 -22.35
CA THR A 101 -22.38 0.20 -22.37
C THR A 101 -20.90 0.51 -22.30
N LEU A 102 -20.12 -0.50 -21.95
CA LEU A 102 -18.69 -0.35 -21.63
C LEU A 102 -17.85 -1.23 -22.52
N ASP A 103 -16.63 -0.81 -22.80
CA ASP A 103 -15.61 -1.72 -23.36
C ASP A 103 -14.71 -2.24 -22.24
N THR A 104 -13.76 -3.08 -22.52
CA THR A 104 -12.88 -3.70 -21.54
C THR A 104 -12.15 -2.62 -20.72
N VAL A 105 -11.58 -1.64 -21.39
CA VAL A 105 -10.74 -0.62 -20.70
C VAL A 105 -11.65 0.15 -19.77
N SER A 106 -12.82 0.58 -20.21
N SER A 106 -12.83 0.55 -20.19
CA SER A 106 -13.71 1.42 -19.36
CA SER A 106 -13.70 1.41 -19.33
C SER A 106 -14.21 0.57 -18.18
C SER A 106 -14.28 0.59 -18.18
N CYS A 107 -14.63 -0.67 -18.42
CA CYS A 107 -15.13 -1.54 -17.37
C CYS A 107 -14.05 -1.72 -16.31
N LEU A 108 -12.83 -2.10 -16.67
CA LEU A 108 -11.78 -2.29 -15.68
C LEU A 108 -11.47 -0.98 -14.91
N ARG A 109 -11.49 0.12 -15.62
CA ARG A 109 -11.14 1.40 -14.98
C ARG A 109 -12.17 1.72 -13.91
N ILE A 110 -13.43 1.49 -14.18
CA ILE A 110 -14.52 1.72 -13.23
C ILE A 110 -14.29 0.81 -12.02
N VAL A 111 -14.14 -0.49 -12.24
CA VAL A 111 -14.11 -1.37 -11.06
C VAL A 111 -12.82 -1.24 -10.26
N LEU A 112 -11.68 -1.06 -10.93
CA LEU A 112 -10.43 -0.84 -10.17
C LEU A 112 -10.49 0.49 -9.41
N SER A 113 -11.15 1.52 -9.95
CA SER A 113 -11.25 2.80 -9.19
C SER A 113 -12.13 2.58 -7.94
N ILE A 114 -13.19 1.77 -8.06
CA ILE A 114 -14.02 1.51 -6.85
C ILE A 114 -13.19 0.73 -5.83
N ALA A 115 -12.50 -0.32 -6.27
CA ALA A 115 -11.66 -1.13 -5.36
C ALA A 115 -10.61 -0.26 -4.67
N SER A 116 -10.07 0.70 -5.41
N SER A 116 -10.04 0.70 -5.40
CA SER A 116 -9.06 1.62 -4.89
CA SER A 116 -9.01 1.61 -4.84
C SER A 116 -9.67 2.45 -3.76
C SER A 116 -9.66 2.48 -3.75
N GLY A 117 -10.84 3.03 -3.99
CA GLY A 117 -11.50 3.83 -2.95
C GLY A 117 -11.80 2.94 -1.77
N LEU A 118 -12.25 1.71 -2.01
CA LEU A 118 -12.64 0.85 -0.89
C LEU A 118 -11.46 0.41 -0.06
N ALA A 119 -10.36 0.07 -0.74
CA ALA A 119 -9.15 -0.34 -0.01
C ALA A 119 -8.67 0.86 0.77
N HIS A 120 -8.75 2.08 0.25
CA HIS A 120 -8.35 3.27 1.03
C HIS A 120 -9.20 3.40 2.28
N LEU A 121 -10.50 3.23 2.17
CA LEU A 121 -11.33 3.24 3.39
C LEU A 121 -10.87 2.16 4.36
N HIS A 122 -10.73 0.93 3.90
CA HIS A 122 -10.49 -0.22 4.81
C HIS A 122 -9.15 -0.15 5.55
N ILE A 123 -8.13 0.46 4.98
CA ILE A 123 -6.74 0.35 5.52
C ILE A 123 -6.51 1.33 6.65
N GLU A 124 -5.95 0.86 7.74
CA GLU A 124 -5.48 1.76 8.80
C GLU A 124 -4.09 2.26 8.40
N ILE A 125 -3.86 3.55 8.52
CA ILE A 125 -2.54 4.16 8.19
C ILE A 125 -2.06 4.79 9.51
N PHE A 126 -0.84 4.43 9.94
CA PHE A 126 -0.32 4.94 11.23
C PHE A 126 0.27 6.33 11.02
N GLY A 127 0.13 7.21 12.03
CA GLY A 127 0.87 8.49 12.12
C GLY A 127 -0.06 9.72 12.21
N GLY A 130 -2.13 9.88 9.08
CA GLY A 130 -2.73 8.55 8.85
C GLY A 130 -4.25 8.57 8.99
N LYS A 131 -4.84 7.42 9.26
CA LYS A 131 -6.31 7.29 9.29
C LYS A 131 -6.67 6.01 10.01
N PRO A 132 -7.83 5.99 10.68
CA PRO A 132 -8.39 4.74 11.15
C PRO A 132 -8.88 3.93 9.95
N ALA A 133 -8.97 2.64 10.13
CA ALA A 133 -9.71 1.77 9.24
C ALA A 133 -11.16 2.16 9.27
N ILE A 134 -11.82 2.07 8.10
CA ILE A 134 -13.22 2.48 7.93
C ILE A 134 -13.92 1.42 7.10
N ALA A 135 -15.08 0.98 7.56
CA ALA A 135 -16.02 0.18 6.73
C ALA A 135 -17.20 1.06 6.35
N HIS A 136 -17.67 0.92 5.13
CA HIS A 136 -18.72 1.77 4.53
C HIS A 136 -20.11 1.41 5.03
N ARG A 137 -20.45 0.14 4.89
CA ARG A 137 -21.73 -0.47 5.35
C ARG A 137 -22.94 -0.14 4.46
N ASP A 138 -22.80 0.59 3.38
CA ASP A 138 -23.94 0.74 2.43
C ASP A 138 -23.41 0.91 1.01
N LEU A 139 -22.49 0.03 0.62
CA LEU A 139 -21.91 0.15 -0.72
C LEU A 139 -22.91 -0.39 -1.73
N LYS A 140 -23.10 0.35 -2.81
CA LYS A 140 -24.06 -0.04 -3.87
C LYS A 140 -23.83 0.94 -5.02
N SER A 141 -24.43 0.67 -6.19
CA SER A 141 -24.14 1.50 -7.39
C SER A 141 -24.71 2.92 -7.26
N LYS A 142 -25.76 3.14 -6.47
CA LYS A 142 -26.29 4.52 -6.23
C LYS A 142 -25.34 5.31 -5.34
N ASN A 143 -24.45 4.65 -4.61
CA ASN A 143 -23.50 5.35 -3.69
C ASN A 143 -22.12 5.44 -4.32
N ILE A 144 -22.06 5.36 -5.63
CA ILE A 144 -20.80 5.51 -6.40
C ILE A 144 -21.07 6.54 -7.47
N LEU A 145 -20.22 7.55 -7.62
CA LEU A 145 -20.36 8.61 -8.64
CA LEU A 145 -20.39 8.58 -8.65
C LEU A 145 -19.36 8.37 -9.75
N VAL A 146 -19.73 8.74 -10.97
CA VAL A 146 -18.87 8.60 -12.16
C VAL A 146 -18.22 9.96 -12.42
N LYS A 147 -16.92 9.96 -12.60
CA LYS A 147 -16.16 11.18 -12.93
C LYS A 147 -15.90 11.23 -14.43
N LYS A 148 -15.61 12.45 -14.89
CA LYS A 148 -15.37 12.67 -16.34
C LYS A 148 -14.17 11.88 -16.82
N ASN A 149 -13.19 11.62 -15.97
CA ASN A 149 -11.97 10.90 -16.39
C ASN A 149 -12.15 9.37 -16.41
N GLY A 150 -13.38 8.91 -16.16
CA GLY A 150 -13.66 7.48 -16.30
C GLY A 150 -13.48 6.71 -15.02
N GLN A 151 -12.94 7.30 -13.99
CA GLN A 151 -12.86 6.70 -12.65
C GLN A 151 -14.13 7.04 -11.90
N CYS A 152 -14.38 6.31 -10.84
CA CYS A 152 -15.51 6.54 -9.92
C CYS A 152 -15.04 6.98 -8.55
N CYS A 153 -15.98 7.45 -7.75
CA CYS A 153 -15.71 7.74 -6.34
C CYS A 153 -16.86 7.23 -5.48
N ILE A 154 -16.50 6.76 -4.31
CA ILE A 154 -17.46 6.23 -3.32
C ILE A 154 -18.02 7.38 -2.50
N ALA A 155 -19.32 7.35 -2.27
CA ALA A 155 -20.08 8.37 -1.52
C ALA A 155 -20.85 7.73 -0.38
N ASP A 156 -21.27 8.59 0.53
CA ASP A 156 -22.23 8.34 1.66
C ASP A 156 -21.58 7.53 2.75
N LEU A 157 -21.01 8.24 3.71
CA LEU A 157 -20.38 7.65 4.91
C LEU A 157 -21.27 7.78 6.14
N GLY A 158 -22.57 7.87 5.88
CA GLY A 158 -23.53 8.04 6.98
C GLY A 158 -23.69 6.82 7.84
N LEU A 159 -23.31 5.60 7.39
N LEU A 159 -23.22 5.67 7.36
CA LEU A 159 -23.32 4.34 8.21
CA LEU A 159 -23.35 4.42 8.14
C LEU A 159 -21.91 3.86 8.51
C LEU A 159 -21.96 3.87 8.43
N ALA A 160 -20.90 4.66 8.16
CA ALA A 160 -19.51 4.16 8.24
C ALA A 160 -19.13 3.87 9.68
N VAL A 161 -18.29 2.88 9.87
CA VAL A 161 -17.71 2.52 11.18
C VAL A 161 -16.19 2.67 11.10
N MET A 162 -15.60 3.17 12.16
CA MET A 162 -14.16 3.42 12.28
C MET A 162 -13.56 2.41 13.27
N HIS A 163 -12.34 1.98 13.03
CA HIS A 163 -11.49 1.13 13.93
C HIS A 163 -10.01 1.57 13.97
N SER A 164 -9.36 1.57 15.13
CA SER A 164 -7.87 1.72 15.24
C SER A 164 -7.29 0.56 16.06
N GLN A 165 -6.32 -0.20 15.49
CA GLN A 165 -5.48 -1.19 16.23
C GLN A 165 -4.42 -0.41 17.01
N ASN A 175 -26.95 5.05 14.87
CA ASN A 175 -27.76 5.29 13.64
C ASN A 175 -28.70 4.09 13.40
N PRO A 176 -30.04 4.26 13.55
CA PRO A 176 -31.03 3.21 13.24
C PRO A 176 -31.20 2.84 11.75
N ARG A 177 -30.65 3.67 10.87
CA ARG A 177 -30.45 3.27 9.45
C ARG A 177 -29.66 1.98 9.44
N VAL A 178 -30.04 1.07 8.54
CA VAL A 178 -29.23 -0.13 8.24
C VAL A 178 -28.90 -0.10 6.75
N GLY A 179 -28.04 -1.01 6.32
CA GLY A 179 -27.69 -1.07 4.91
C GLY A 179 -28.91 -1.32 4.01
N THR A 180 -28.72 -1.05 2.74
CA THR A 180 -29.71 -1.38 1.71
C THR A 180 -29.90 -2.89 1.63
N LYS A 181 -31.13 -3.38 1.81
CA LYS A 181 -31.36 -4.83 2.04
CA LYS A 181 -31.37 -4.82 2.04
C LYS A 181 -30.90 -5.66 0.84
N ARG A 182 -31.12 -5.18 -0.37
CA ARG A 182 -30.74 -5.95 -1.58
C ARG A 182 -29.26 -6.31 -1.55
N TYR A 183 -28.42 -5.45 -0.95
CA TYR A 183 -26.96 -5.62 -0.94
C TYR A 183 -26.44 -6.22 0.34
N MET A 184 -27.32 -6.64 1.27
CA MET A 184 -26.88 -7.18 2.55
C MET A 184 -26.24 -8.56 2.41
N ALA A 185 -25.09 -8.76 3.05
CA ALA A 185 -24.39 -10.04 3.10
C ALA A 185 -25.18 -11.07 3.90
N PRO A 186 -24.92 -12.36 3.65
CA PRO A 186 -25.67 -13.41 4.35
C PRO A 186 -25.61 -13.32 5.87
N GLU A 187 -24.46 -12.94 6.44
CA GLU A 187 -24.29 -12.87 7.91
C GLU A 187 -25.08 -11.71 8.48
N VAL A 188 -25.39 -10.69 7.69
CA VAL A 188 -26.28 -9.59 8.16
C VAL A 188 -27.69 -10.14 8.17
N LEU A 189 -28.09 -10.78 7.10
CA LEU A 189 -29.49 -11.31 6.97
C LEU A 189 -29.78 -12.40 8.00
N ASP A 190 -28.84 -13.25 8.37
CA ASP A 190 -29.09 -14.36 9.32
C ASP A 190 -28.60 -13.96 10.69
N GLU A 191 -28.13 -12.73 10.87
CA GLU A 191 -27.82 -12.13 12.20
C GLU A 191 -26.70 -12.90 12.90
N THR A 192 -25.82 -13.55 12.16
CA THR A 192 -24.61 -14.24 12.69
C THR A 192 -23.40 -13.31 12.62
N ILE A 193 -23.50 -12.16 11.97
CA ILE A 193 -22.34 -11.25 11.89
C ILE A 193 -21.74 -11.03 13.30
N GLN A 194 -20.42 -11.12 13.36
CA GLN A 194 -19.64 -10.91 14.60
C GLN A 194 -19.47 -9.40 14.80
N VAL A 195 -20.41 -8.76 15.50
CA VAL A 195 -20.60 -7.27 15.54
C VAL A 195 -19.47 -6.58 16.30
N ASP A 196 -18.76 -7.29 17.18
CA ASP A 196 -17.65 -6.73 17.98
C ASP A 196 -16.33 -6.84 17.19
N CYS A 197 -16.36 -7.24 15.92
CA CYS A 197 -15.14 -7.58 15.17
C CYS A 197 -15.09 -6.68 13.93
N PHE A 198 -14.09 -5.80 13.84
CA PHE A 198 -14.12 -4.79 12.75
C PHE A 198 -14.02 -5.50 11.40
N ASP A 199 -13.25 -6.56 11.28
CA ASP A 199 -13.04 -7.29 10.00
C ASP A 199 -14.42 -7.71 9.47
N SER A 200 -15.37 -8.00 10.33
CA SER A 200 -16.73 -8.40 9.88
C SER A 200 -17.27 -7.36 8.93
N TYR A 201 -17.07 -6.11 9.25
CA TYR A 201 -17.70 -5.01 8.49
C TYR A 201 -17.01 -4.88 7.15
N LYS A 202 -15.68 -5.06 7.12
CA LYS A 202 -14.97 -5.07 5.82
C LYS A 202 -15.58 -6.17 4.95
N ARG A 203 -15.81 -7.34 5.50
CA ARG A 203 -16.28 -8.48 4.69
C ARG A 203 -17.70 -8.23 4.18
N VAL A 204 -18.51 -7.49 4.89
CA VAL A 204 -19.84 -7.09 4.40
C VAL A 204 -19.67 -6.14 3.23
N ASP A 205 -18.70 -5.24 3.27
CA ASP A 205 -18.48 -4.35 2.13
C ASP A 205 -18.03 -5.18 0.92
N ILE A 206 -17.17 -6.18 1.12
CA ILE A 206 -16.67 -6.97 -0.02
C ILE A 206 -17.81 -7.67 -0.73
N TRP A 207 -18.73 -8.24 0.04
CA TRP A 207 -19.94 -8.87 -0.55
C TRP A 207 -20.62 -7.88 -1.49
N ALA A 208 -20.88 -6.67 -0.97
CA ALA A 208 -21.60 -5.62 -1.72
C ALA A 208 -20.75 -5.23 -2.94
N PHE A 209 -19.45 -5.08 -2.78
CA PHE A 209 -18.57 -4.81 -3.93
C PHE A 209 -18.75 -5.88 -5.01
N GLY A 210 -18.81 -7.14 -4.62
CA GLY A 210 -18.99 -8.17 -5.66
C GLY A 210 -20.29 -7.98 -6.43
N LEU A 211 -21.35 -7.57 -5.74
CA LEU A 211 -22.64 -7.30 -6.44
C LEU A 211 -22.45 -6.13 -7.43
N VAL A 212 -21.76 -5.08 -6.99
CA VAL A 212 -21.52 -3.92 -7.90
C VAL A 212 -20.69 -4.37 -9.08
N LEU A 213 -19.68 -5.19 -8.84
N LEU A 213 -19.65 -5.19 -8.85
CA LEU A 213 -18.85 -5.72 -9.94
CA LEU A 213 -18.84 -5.77 -9.97
C LEU A 213 -19.73 -6.45 -10.97
C LEU A 213 -19.80 -6.41 -10.99
N TRP A 214 -20.69 -7.27 -10.50
CA TRP A 214 -21.65 -7.97 -11.37
C TRP A 214 -22.51 -6.96 -12.13
N GLU A 215 -22.99 -5.91 -11.47
CA GLU A 215 -23.82 -4.89 -12.16
C GLU A 215 -23.07 -4.25 -13.33
N VAL A 216 -21.79 -3.97 -13.13
CA VAL A 216 -20.97 -3.26 -14.12
C VAL A 216 -20.61 -4.23 -15.25
N ALA A 217 -20.18 -5.43 -14.91
CA ALA A 217 -19.69 -6.42 -15.92
C ALA A 217 -20.80 -6.73 -16.93
N ARG A 218 -22.04 -6.81 -16.47
CA ARG A 218 -23.18 -7.08 -17.37
C ARG A 218 -23.19 -6.06 -18.53
N ARG A 219 -22.76 -4.82 -18.26
CA ARG A 219 -22.83 -3.73 -19.23
C ARG A 219 -21.57 -3.66 -20.09
N MET A 220 -20.63 -4.53 -19.93
CA MET A 220 -19.42 -4.63 -20.77
C MET A 220 -19.76 -5.45 -22.01
N VAL A 221 -19.53 -4.90 -23.20
CA VAL A 221 -19.81 -5.60 -24.48
C VAL A 221 -18.73 -6.64 -24.74
N SER A 222 -19.13 -7.84 -25.17
CA SER A 222 -18.17 -8.79 -25.76
C SER A 222 -18.88 -9.49 -26.92
N ASN A 223 -18.13 -9.66 -28.02
N ASN A 223 -18.17 -9.60 -28.05
CA ASN A 223 -18.66 -10.36 -29.23
CA ASN A 223 -18.67 -10.42 -29.18
C ASN A 223 -20.05 -9.85 -29.57
C ASN A 223 -20.05 -9.86 -29.58
N GLY A 224 -20.25 -8.53 -29.51
CA GLY A 224 -21.51 -7.86 -29.89
C GLY A 224 -22.69 -8.11 -28.96
N ILE A 225 -22.43 -8.66 -27.78
CA ILE A 225 -23.50 -8.99 -26.81
C ILE A 225 -23.29 -8.13 -25.55
N VAL A 226 -24.39 -7.72 -24.96
CA VAL A 226 -24.38 -7.09 -23.62
C VAL A 226 -25.67 -7.46 -22.90
N GLU A 227 -25.65 -7.52 -21.59
CA GLU A 227 -26.87 -7.66 -20.81
C GLU A 227 -27.48 -6.29 -20.53
N ASP A 228 -28.77 -6.21 -20.43
CA ASP A 228 -29.50 -5.01 -19.94
C ASP A 228 -29.09 -4.72 -18.49
N TYR A 229 -29.12 -3.46 -18.10
CA TYR A 229 -28.96 -3.12 -16.67
C TYR A 229 -30.04 -3.82 -15.85
N LYS A 230 -29.61 -4.52 -14.83
CA LYS A 230 -30.50 -5.03 -13.76
C LYS A 230 -29.79 -4.87 -12.43
N PRO A 231 -30.56 -4.67 -11.36
CA PRO A 231 -30.00 -4.70 -10.01
C PRO A 231 -29.75 -6.12 -9.57
N PRO A 232 -28.86 -6.32 -8.59
CA PRO A 232 -28.61 -7.66 -8.09
C PRO A 232 -29.92 -8.29 -7.59
N PHE A 233 -30.11 -9.57 -7.93
CA PHE A 233 -31.25 -10.41 -7.48
C PHE A 233 -32.56 -9.96 -8.10
N TYR A 234 -32.50 -9.22 -9.21
CA TYR A 234 -33.74 -8.75 -9.88
C TYR A 234 -34.68 -9.89 -10.24
N ASP A 235 -34.17 -11.07 -10.47
CA ASP A 235 -34.95 -12.23 -10.94
C ASP A 235 -35.47 -13.06 -9.79
N VAL A 236 -35.15 -12.77 -8.54
CA VAL A 236 -35.56 -13.67 -7.43
C VAL A 236 -36.19 -12.93 -6.26
N VAL A 237 -36.20 -11.59 -6.24
CA VAL A 237 -36.87 -10.84 -5.17
C VAL A 237 -37.71 -9.74 -5.79
N PRO A 238 -38.71 -9.24 -5.05
CA PRO A 238 -39.47 -8.09 -5.54
C PRO A 238 -38.69 -6.79 -5.53
N ASN A 239 -39.26 -5.75 -6.14
CA ASN A 239 -38.78 -4.39 -5.81
C ASN A 239 -38.98 -4.12 -4.32
N ASP A 240 -38.07 -3.36 -3.71
CA ASP A 240 -38.09 -3.07 -2.28
C ASP A 240 -38.27 -4.37 -1.55
N PRO A 241 -37.34 -5.31 -1.76
CA PRO A 241 -37.47 -6.60 -1.12
C PRO A 241 -37.45 -6.50 0.41
N SER A 242 -38.15 -7.40 1.07
CA SER A 242 -38.13 -7.42 2.54
C SER A 242 -36.85 -8.05 3.03
N PHE A 243 -36.55 -7.88 4.29
CA PHE A 243 -35.46 -8.56 4.94
C PHE A 243 -35.61 -10.06 4.78
N GLU A 244 -36.84 -10.58 4.98
CA GLU A 244 -37.10 -12.02 4.83
C GLU A 244 -36.90 -12.48 3.39
N ASP A 245 -37.38 -11.70 2.43
CA ASP A 245 -37.21 -12.04 1.00
C ASP A 245 -35.71 -12.30 0.76
N MET A 246 -34.91 -11.36 1.21
CA MET A 246 -33.44 -11.46 0.98
C MET A 246 -32.84 -12.65 1.74
N ARG A 247 -33.23 -12.86 2.99
CA ARG A 247 -32.68 -13.94 3.79
C ARG A 247 -32.99 -15.30 3.13
N LYS A 248 -34.18 -15.47 2.58
CA LYS A 248 -34.51 -16.77 1.96
CA LYS A 248 -34.52 -16.76 1.95
C LYS A 248 -33.63 -17.00 0.74
N VAL A 249 -33.42 -15.97 -0.08
CA VAL A 249 -32.60 -16.11 -1.29
C VAL A 249 -31.16 -16.38 -0.89
N VAL A 250 -30.60 -15.48 -0.10
CA VAL A 250 -29.13 -15.45 0.11
C VAL A 250 -28.67 -16.48 1.12
N CYS A 251 -29.46 -16.69 2.19
CA CYS A 251 -29.06 -17.56 3.33
C CYS A 251 -29.65 -18.96 3.19
N VAL A 252 -30.92 -19.06 2.89
CA VAL A 252 -31.58 -20.39 2.95
C VAL A 252 -31.27 -21.12 1.66
N ASP A 253 -31.56 -20.52 0.52
CA ASP A 253 -31.30 -21.19 -0.76
C ASP A 253 -29.88 -20.96 -1.23
N GLN A 254 -29.17 -19.98 -0.70
CA GLN A 254 -27.74 -19.69 -1.02
C GLN A 254 -27.61 -19.35 -2.51
N GLN A 255 -28.58 -18.65 -3.09
CA GLN A 255 -28.48 -18.17 -4.47
C GLN A 255 -27.44 -17.04 -4.57
N ARG A 256 -26.89 -16.95 -5.77
CA ARG A 256 -25.95 -15.90 -6.15
C ARG A 256 -26.32 -15.41 -7.52
N PRO A 257 -25.93 -14.18 -7.89
CA PRO A 257 -26.20 -13.66 -9.22
C PRO A 257 -25.68 -14.60 -10.32
N ASN A 258 -26.47 -14.76 -11.36
N ASN A 258 -26.50 -14.67 -11.40
CA ASN A 258 -26.08 -15.68 -12.43
CA ASN A 258 -26.24 -15.46 -12.64
C ASN A 258 -25.05 -15.00 -13.35
C ASN A 258 -24.97 -14.95 -13.35
N ILE A 259 -24.11 -15.84 -13.78
CA ILE A 259 -23.04 -15.48 -14.74
C ILE A 259 -23.46 -15.98 -16.11
N PRO A 260 -23.74 -15.09 -17.08
CA PRO A 260 -24.16 -15.52 -18.41
C PRO A 260 -23.07 -16.33 -19.12
N ASN A 261 -23.50 -17.26 -19.96
CA ASN A 261 -22.55 -18.05 -20.75
C ASN A 261 -21.60 -17.17 -21.57
N ARG A 262 -22.12 -16.10 -22.16
CA ARG A 262 -21.30 -15.26 -23.07
C ARG A 262 -20.09 -14.72 -22.36
N TRP A 263 -20.07 -14.58 -21.03
CA TRP A 263 -18.87 -14.08 -20.33
C TRP A 263 -17.69 -15.00 -20.56
N PHE A 264 -17.94 -16.30 -20.71
CA PHE A 264 -16.88 -17.32 -20.79
C PHE A 264 -16.20 -17.34 -22.17
N SER A 265 -16.68 -16.55 -23.13
CA SER A 265 -15.96 -16.31 -24.41
C SER A 265 -15.00 -15.14 -24.28
N ASP A 266 -15.06 -14.36 -23.20
CA ASP A 266 -14.26 -13.13 -23.09
C ASP A 266 -13.28 -13.28 -21.94
N PRO A 267 -11.96 -13.06 -22.09
CA PRO A 267 -11.04 -13.30 -20.98
C PRO A 267 -11.30 -12.34 -19.81
N THR A 268 -11.63 -11.08 -20.08
CA THR A 268 -11.87 -10.09 -19.02
C THR A 268 -13.08 -10.52 -18.17
N LEU A 269 -14.18 -10.86 -18.82
CA LEU A 269 -15.40 -11.23 -18.06
C LEU A 269 -15.22 -12.58 -17.39
N THR A 270 -14.44 -13.47 -17.98
CA THR A 270 -14.09 -14.74 -17.30
C THR A 270 -13.35 -14.44 -16.00
N SER A 271 -12.35 -13.55 -16.02
CA SER A 271 -11.60 -13.19 -14.82
C SER A 271 -12.50 -12.46 -13.81
N LEU A 272 -13.38 -11.59 -14.29
CA LEU A 272 -14.30 -10.82 -13.40
C LEU A 272 -15.29 -11.79 -12.74
N ALA A 273 -15.78 -12.79 -13.46
CA ALA A 273 -16.69 -13.79 -12.84
C ALA A 273 -15.99 -14.49 -11.69
N LYS A 274 -14.72 -14.86 -11.88
CA LYS A 274 -13.98 -15.54 -10.80
C LYS A 274 -13.87 -14.60 -9.60
N LEU A 275 -13.57 -13.35 -9.88
CA LEU A 275 -13.40 -12.37 -8.80
C LEU A 275 -14.68 -12.18 -8.03
N MET A 276 -15.79 -12.01 -8.71
CA MET A 276 -17.05 -11.73 -8.00
C MET A 276 -17.44 -12.98 -7.20
N LYS A 277 -17.17 -14.21 -7.65
CA LYS A 277 -17.37 -15.48 -6.89
C LYS A 277 -16.63 -15.41 -5.56
N GLU A 278 -15.42 -14.85 -5.57
N GLU A 278 -15.41 -14.86 -5.58
CA GLU A 278 -14.58 -14.82 -4.36
CA GLU A 278 -14.50 -14.79 -4.40
C GLU A 278 -14.89 -13.64 -3.46
C GLU A 278 -14.94 -13.70 -3.43
N CYS A 279 -15.91 -12.87 -3.82
CA CYS A 279 -16.52 -11.88 -2.92
C CYS A 279 -17.80 -12.40 -2.29
N TRP A 280 -18.28 -13.56 -2.72
CA TRP A 280 -19.65 -14.04 -2.36
C TRP A 280 -19.64 -15.32 -1.57
N TYR A 281 -18.52 -15.74 -1.06
CA TYR A 281 -18.48 -16.94 -0.20
C TYR A 281 -19.42 -16.73 0.98
N GLN A 282 -20.14 -17.80 1.39
CA GLN A 282 -20.97 -17.76 2.63
CA GLN A 282 -20.98 -17.76 2.62
C GLN A 282 -20.09 -17.45 3.84
N ASN A 283 -18.91 -18.06 3.91
CA ASN A 283 -17.96 -17.86 5.01
C ASN A 283 -17.29 -16.51 4.78
N PRO A 284 -17.58 -15.50 5.61
CA PRO A 284 -17.06 -14.15 5.37
C PRO A 284 -15.53 -14.13 5.31
N SER A 285 -14.84 -14.95 6.12
N SER A 285 -14.89 -15.00 6.12
CA SER A 285 -13.36 -14.90 6.17
CA SER A 285 -13.42 -15.09 6.23
C SER A 285 -12.75 -15.54 4.90
C SER A 285 -12.76 -15.56 4.93
N ALA A 286 -13.52 -16.22 4.05
CA ALA A 286 -13.04 -16.77 2.77
C ALA A 286 -12.99 -15.67 1.69
N ARG A 287 -13.70 -14.56 1.90
CA ARG A 287 -13.79 -13.56 0.83
C ARG A 287 -12.44 -12.87 0.66
N LEU A 288 -12.21 -12.42 -0.56
CA LEU A 288 -11.02 -11.62 -0.90
C LEU A 288 -11.03 -10.33 -0.12
N THR A 289 -9.87 -9.75 0.10
CA THR A 289 -9.73 -8.40 0.63
C THR A 289 -9.71 -7.41 -0.51
N ALA A 290 -10.02 -6.13 -0.18
CA ALA A 290 -9.99 -5.08 -1.21
C ALA A 290 -8.60 -4.97 -1.85
N LEU A 291 -7.56 -5.10 -1.01
CA LEU A 291 -6.20 -5.04 -1.59
C LEU A 291 -5.93 -6.18 -2.55
N ARG A 292 -6.40 -7.40 -2.25
N ARG A 292 -6.41 -7.39 -2.24
CA ARG A 292 -6.22 -8.53 -3.21
CA ARG A 292 -6.24 -8.54 -3.16
C ARG A 292 -7.06 -8.31 -4.48
C ARG A 292 -7.08 -8.35 -4.44
N ILE A 293 -8.26 -7.74 -4.34
CA ILE A 293 -9.09 -7.45 -5.53
C ILE A 293 -8.33 -6.47 -6.44
N LYS A 294 -7.74 -5.42 -5.85
CA LYS A 294 -6.94 -4.48 -6.67
C LYS A 294 -5.85 -5.20 -7.44
N LYS A 295 -5.07 -6.01 -6.73
CA LYS A 295 -3.97 -6.68 -7.41
C LYS A 295 -4.51 -7.54 -8.55
N THR A 296 -5.58 -8.32 -8.31
CA THR A 296 -6.14 -9.16 -9.38
C THR A 296 -6.57 -8.28 -10.56
N LEU A 297 -7.22 -7.17 -10.29
CA LEU A 297 -7.68 -6.28 -11.38
C LEU A 297 -6.51 -5.70 -12.16
N THR A 298 -5.39 -5.40 -11.50
CA THR A 298 -4.22 -4.86 -12.24
C THR A 298 -3.64 -5.91 -13.19
N LYS A 299 -3.88 -7.19 -12.95
CA LYS A 299 -3.27 -8.27 -13.78
C LYS A 299 -4.26 -8.73 -14.85
N ILE A 300 -5.49 -8.19 -14.87
CA ILE A 300 -6.44 -8.54 -15.95
C ILE A 300 -6.16 -7.61 -17.11
N ASP A 301 -5.84 -8.21 -18.26
CA ASP A 301 -5.62 -7.53 -19.56
C ASP A 301 -4.21 -6.94 -19.60
N ALA B 7 36.75 3.90 29.61
CA ALA B 7 36.63 5.33 29.13
C ALA B 7 35.37 5.45 28.25
N ARG B 8 34.45 6.33 28.65
CA ARG B 8 33.10 6.39 28.03
C ARG B 8 32.85 7.71 27.31
N ASP B 9 33.63 8.76 27.56
CA ASP B 9 33.30 10.10 27.02
C ASP B 9 33.52 10.13 25.50
N ILE B 10 32.71 10.94 24.82
CA ILE B 10 32.78 11.15 23.34
C ILE B 10 32.77 12.64 23.11
N THR B 11 33.41 13.05 22.03
CA THR B 11 33.34 14.43 21.52
C THR B 11 32.64 14.40 20.16
N LEU B 12 31.62 15.23 19.98
CA LEU B 12 30.95 15.38 18.66
C LEU B 12 31.69 16.45 17.84
N LEU B 13 32.21 16.10 16.68
CA LEU B 13 33.17 16.96 15.92
C LEU B 13 32.49 17.57 14.70
N GLU B 14 31.77 16.78 13.91
CA GLU B 14 31.02 17.35 12.77
C GLU B 14 29.77 16.55 12.41
N CYS B 15 28.75 17.25 11.98
CA CYS B 15 27.53 16.62 11.47
C CYS B 15 27.79 16.14 10.04
N VAL B 16 27.63 14.86 9.76
CA VAL B 16 27.85 14.26 8.41
C VAL B 16 26.50 13.98 7.73
N GLY B 17 25.37 14.33 8.36
CA GLY B 17 24.03 13.99 7.84
C GLY B 17 22.94 14.51 8.76
N LYS B 18 21.93 15.22 8.24
CA LYS B 18 20.69 15.54 8.98
C LYS B 18 19.53 15.25 8.05
N GLY B 19 18.42 14.77 8.60
CA GLY B 19 17.23 14.46 7.82
C GLY B 19 16.10 14.15 8.75
N ARG B 20 15.07 13.50 8.21
CA ARG B 20 13.86 13.10 8.98
C ARG B 20 14.28 12.11 10.07
N TYR B 21 15.34 11.34 9.83
CA TYR B 21 15.84 10.29 10.75
C TYR B 21 16.42 10.92 12.04
N GLY B 22 16.85 12.16 12.00
CA GLY B 22 17.66 12.75 13.07
C GLY B 22 18.95 13.23 12.47
N GLU B 23 20.07 12.88 13.05
CA GLU B 23 21.38 13.43 12.63
C GLU B 23 22.42 12.35 12.83
N VAL B 24 23.47 12.34 12.05
CA VAL B 24 24.67 11.52 12.29
C VAL B 24 25.86 12.45 12.39
N TRP B 25 26.66 12.22 13.38
CA TRP B 25 27.88 12.99 13.69
C TRP B 25 29.09 12.08 13.62
N ARG B 26 30.19 12.66 13.14
CA ARG B 26 31.52 12.10 13.36
C ARG B 26 31.94 12.57 14.76
N GLY B 27 32.23 11.64 15.63
CA GLY B 27 32.77 11.96 16.96
C GLY B 27 34.08 11.30 17.20
N SER B 28 34.66 11.61 18.36
CA SER B 28 35.91 10.98 18.84
C SER B 28 35.66 10.24 20.16
N TRP B 29 36.15 9.02 20.29
CA TRP B 29 36.09 8.15 21.48
C TRP B 29 37.44 7.42 21.62
N GLN B 30 38.18 7.68 22.70
CA GLN B 30 39.52 7.10 22.94
C GLN B 30 40.42 7.37 21.72
N GLY B 31 40.40 8.60 21.20
CA GLY B 31 41.22 9.02 20.05
C GLY B 31 40.75 8.49 18.70
N GLU B 32 39.73 7.61 18.63
CA GLU B 32 39.24 6.97 17.37
C GLU B 32 37.97 7.70 16.88
N ASN B 33 37.78 7.82 15.58
CA ASN B 33 36.50 8.31 15.01
C ASN B 33 35.44 7.27 15.34
N VAL B 34 34.27 7.77 15.69
CA VAL B 34 33.04 6.94 15.82
C VAL B 34 31.94 7.72 15.14
N ALA B 35 30.88 7.00 14.76
CA ALA B 35 29.63 7.57 14.23
C ALA B 35 28.58 7.60 15.33
N VAL B 36 27.97 8.74 15.51
CA VAL B 36 26.96 8.97 16.57
C VAL B 36 25.69 9.39 15.88
N LYS B 37 24.69 8.51 15.88
CA LYS B 37 23.35 8.84 15.37
C LYS B 37 22.46 9.29 16.53
N ILE B 38 21.84 10.43 16.37
CA ILE B 38 20.88 10.97 17.36
C ILE B 38 19.53 10.91 16.66
N PHE B 39 18.61 10.10 17.15
CA PHE B 39 17.35 9.82 16.43
C PHE B 39 16.37 10.96 16.63
N SER B 40 15.54 11.22 15.63
CA SER B 40 14.37 12.11 15.82
C SER B 40 13.39 11.41 16.76
N SER B 41 12.63 12.15 17.55
CA SER B 41 11.66 11.48 18.46
C SER B 41 10.59 10.76 17.62
N ARG B 42 10.40 11.19 16.39
CA ARG B 42 9.43 10.57 15.46
C ARG B 42 9.86 9.11 15.22
N ASP B 43 11.11 8.78 15.47
N ASP B 43 11.18 8.82 15.28
CA ASP B 43 11.61 7.47 15.03
CA ASP B 43 11.79 7.51 14.92
C ASP B 43 12.14 6.68 16.23
C ASP B 43 12.17 6.71 16.20
N GLU B 44 11.54 6.94 17.36
CA GLU B 44 11.96 6.29 18.59
C GLU B 44 11.83 4.77 18.48
N LYS B 45 10.86 4.26 17.71
N LYS B 45 10.88 4.23 17.71
CA LYS B 45 10.66 2.80 17.59
CA LYS B 45 10.74 2.76 17.65
C LYS B 45 11.83 2.19 16.81
C LYS B 45 11.86 2.16 16.80
N SER B 46 12.44 2.91 15.89
CA SER B 46 13.63 2.41 15.16
C SER B 46 14.81 2.31 16.10
N TRP B 47 14.99 3.30 16.95
CA TRP B 47 16.08 3.25 17.92
C TRP B 47 15.97 1.96 18.77
N PHE B 48 14.79 1.70 19.29
CA PHE B 48 14.63 0.57 20.21
C PHE B 48 14.86 -0.72 19.44
N ARG B 49 14.34 -0.82 18.20
CA ARG B 49 14.48 -2.05 17.42
C ARG B 49 15.96 -2.31 17.09
N GLU B 50 16.67 -1.27 16.71
CA GLU B 50 18.08 -1.43 16.39
C GLU B 50 18.86 -1.90 17.60
N THR B 51 18.47 -1.38 18.78
CA THR B 51 19.08 -1.77 20.06
C THR B 51 18.79 -3.25 20.33
N GLU B 52 17.57 -3.70 20.12
CA GLU B 52 17.23 -5.15 20.25
C GLU B 52 18.14 -5.97 19.33
N LEU B 53 18.33 -5.51 18.08
CA LEU B 53 19.11 -6.29 17.08
C LEU B 53 20.58 -6.36 17.53
N TYR B 54 21.14 -5.25 17.96
CA TYR B 54 22.56 -5.20 18.32
C TYR B 54 22.84 -5.88 19.66
N ASN B 55 21.82 -6.28 20.41
CA ASN B 55 22.07 -7.10 21.63
C ASN B 55 22.66 -8.45 21.25
N THR B 56 22.44 -8.92 20.03
CA THR B 56 22.95 -10.25 19.58
C THR B 56 24.45 -10.21 19.32
N VAL B 57 25.30 -10.76 20.19
CA VAL B 57 26.78 -10.77 19.99
C VAL B 57 27.14 -11.40 18.65
N MET B 58 26.48 -12.48 18.22
CA MET B 58 26.81 -13.18 16.92
C MET B 58 26.28 -12.47 15.67
N LEU B 59 25.64 -11.32 15.84
CA LEU B 59 25.37 -10.45 14.67
C LEU B 59 26.69 -9.94 14.08
N ARG B 60 27.74 -9.70 14.87
CA ARG B 60 29.01 -9.09 14.46
C ARG B 60 29.53 -9.80 13.20
N HIS B 61 29.93 -9.03 12.18
CA HIS B 61 30.37 -9.56 10.88
C HIS B 61 31.04 -8.44 10.09
N GLU B 62 32.05 -8.81 9.31
CA GLU B 62 32.81 -7.90 8.42
C GLU B 62 31.84 -6.99 7.65
N ASN B 63 30.72 -7.54 7.22
CA ASN B 63 29.83 -6.81 6.28
C ASN B 63 28.57 -6.29 7.00
N ILE B 64 28.57 -6.13 8.30
CA ILE B 64 27.48 -5.50 9.06
C ILE B 64 28.10 -4.37 9.88
N LEU B 65 27.53 -3.20 9.83
CA LEU B 65 28.03 -2.04 10.61
C LEU B 65 28.18 -2.41 12.08
N GLY B 66 29.38 -2.19 12.58
CA GLY B 66 29.76 -2.59 13.95
C GLY B 66 29.25 -1.62 15.00
N PHE B 67 28.58 -2.19 15.96
CA PHE B 67 27.97 -1.50 17.08
C PHE B 67 28.97 -1.22 18.21
N ILE B 68 28.94 -0.05 18.82
CA ILE B 68 29.71 0.29 20.02
C ILE B 68 28.74 0.43 21.21
N ALA B 69 27.72 1.27 21.10
CA ALA B 69 26.83 1.50 22.26
C ALA B 69 25.49 2.04 21.77
N SER B 70 24.48 1.91 22.62
CA SER B 70 23.16 2.52 22.42
C SER B 70 22.76 3.18 23.73
N ASP B 71 22.17 4.35 23.68
CA ASP B 71 21.75 5.04 24.92
C ASP B 71 20.42 5.65 24.70
N MET B 72 19.62 5.65 25.76
CA MET B 72 18.48 6.55 25.91
C MET B 72 18.73 7.41 27.14
N THR B 73 18.72 8.71 27.00
CA THR B 73 19.03 9.64 28.10
C THR B 73 17.84 10.56 28.26
N SER B 74 17.58 11.02 29.48
CA SER B 74 16.47 11.96 29.70
C SER B 74 16.68 12.73 30.99
N ARG B 75 16.30 13.98 30.92
CA ARG B 75 16.00 14.82 32.08
C ARG B 75 14.72 15.58 31.82
N HIS B 76 13.88 15.68 32.84
CA HIS B 76 12.57 16.32 32.69
C HIS B 76 11.80 15.67 31.51
N SER B 77 11.27 16.43 30.58
CA SER B 77 10.43 15.82 29.53
C SER B 77 11.20 15.61 28.23
N SER B 78 12.52 15.77 28.22
N SER B 78 12.49 15.83 28.23
CA SER B 78 13.40 15.75 27.03
CA SER B 78 13.37 15.69 27.04
C SER B 78 14.17 14.41 26.99
C SER B 78 13.92 14.26 27.06
N THR B 79 14.00 13.63 25.91
CA THR B 79 14.68 12.33 25.74
C THR B 79 15.58 12.41 24.52
N GLN B 80 16.77 11.89 24.66
CA GLN B 80 17.67 11.69 23.50
C GLN B 80 17.91 10.21 23.31
N LEU B 81 18.05 9.85 22.05
CA LEU B 81 18.25 8.47 21.62
C LEU B 81 19.50 8.39 20.77
N TRP B 82 20.47 7.64 21.21
CA TRP B 82 21.82 7.61 20.64
C TRP B 82 22.16 6.21 20.17
N LEU B 83 22.78 6.11 18.99
CA LEU B 83 23.42 4.87 18.56
C LEU B 83 24.85 5.22 18.18
N ILE B 84 25.82 4.48 18.70
CA ILE B 84 27.26 4.75 18.44
C ILE B 84 27.81 3.53 17.72
N THR B 85 28.44 3.75 16.57
CA THR B 85 28.99 2.66 15.73
C THR B 85 30.38 3.03 15.27
N HIS B 86 31.02 2.07 14.60
N HIS B 86 31.03 2.09 14.60
CA HIS B 86 32.20 2.32 13.74
CA HIS B 86 32.26 2.44 13.85
C HIS B 86 31.89 3.46 12.75
C HIS B 86 31.91 3.45 12.75
N TYR B 87 32.91 4.24 12.40
CA TYR B 87 32.81 5.36 11.44
C TYR B 87 33.52 4.96 10.14
N HIS B 88 32.87 5.17 9.02
CA HIS B 88 33.42 4.87 7.68
C HIS B 88 33.49 6.15 6.90
N GLU B 89 34.72 6.74 6.85
CA GLU B 89 34.88 8.10 6.32
C GLU B 89 34.64 8.15 4.80
N MET B 90 34.65 7.02 4.11
CA MET B 90 34.30 7.00 2.67
C MET B 90 32.79 7.13 2.47
N GLY B 91 31.98 7.07 3.53
CA GLY B 91 30.55 7.31 3.40
C GLY B 91 29.79 6.11 2.87
N SER B 92 28.61 6.37 2.34
CA SER B 92 27.74 5.29 1.84
C SER B 92 28.11 4.92 0.41
N LEU B 93 27.62 3.75 0.02
CA LEU B 93 27.76 3.29 -1.38
C LEU B 93 27.09 4.29 -2.30
N TYR B 94 25.96 4.86 -1.90
CA TYR B 94 25.27 5.89 -2.67
C TYR B 94 26.23 7.06 -2.93
N ASP B 95 26.92 7.51 -1.89
CA ASP B 95 27.87 8.64 -2.05
C ASP B 95 29.01 8.22 -2.97
N TYR B 96 29.56 7.06 -2.76
CA TYR B 96 30.76 6.55 -3.44
C TYR B 96 30.51 6.44 -4.92
N LEU B 97 29.37 5.87 -5.31
CA LEU B 97 29.04 5.65 -6.73
C LEU B 97 28.83 6.95 -7.50
N GLN B 98 28.58 8.06 -6.81
N GLN B 98 28.62 8.10 -6.87
CA GLN B 98 28.24 9.37 -7.45
CA GLN B 98 28.24 9.34 -7.63
C GLN B 98 29.38 9.74 -8.36
C GLN B 98 29.45 10.02 -8.26
N LEU B 99 30.64 9.62 -7.88
CA LEU B 99 31.85 10.12 -8.62
C LEU B 99 33.06 9.18 -8.48
N THR B 100 32.85 7.88 -8.53
CA THR B 100 33.89 6.95 -8.99
C THR B 100 33.20 5.95 -9.88
N THR B 101 33.96 5.52 -10.86
CA THR B 101 33.64 4.31 -11.64
C THR B 101 34.42 3.11 -11.13
N LEU B 102 33.99 1.93 -11.51
CA LEU B 102 34.53 0.67 -11.00
C LEU B 102 35.17 -0.15 -12.11
N ASP B 103 36.19 -0.93 -11.78
CA ASP B 103 36.60 -2.02 -12.66
C ASP B 103 35.91 -3.30 -12.24
N THR B 104 36.17 -4.38 -12.96
CA THR B 104 35.53 -5.67 -12.72
C THR B 104 35.79 -6.12 -11.30
N VAL B 105 37.05 -6.10 -10.90
CA VAL B 105 37.44 -6.61 -9.57
C VAL B 105 36.72 -5.81 -8.50
N SER B 106 36.69 -4.50 -8.58
N SER B 106 36.66 -4.48 -8.60
CA SER B 106 36.06 -3.66 -7.56
CA SER B 106 36.09 -3.60 -7.56
C SER B 106 34.54 -3.87 -7.55
C SER B 106 34.54 -3.68 -7.56
N CYS B 107 33.92 -3.91 -8.71
CA CYS B 107 32.45 -4.12 -8.79
C CYS B 107 32.10 -5.44 -8.10
N LEU B 108 32.81 -6.52 -8.41
CA LEU B 108 32.48 -7.83 -7.84
C LEU B 108 32.79 -7.84 -6.33
N ARG B 109 33.88 -7.23 -5.91
N ARG B 109 33.88 -7.22 -5.91
N ARG B 109 33.87 -7.22 -5.90
CA ARG B 109 34.22 -7.16 -4.47
CA ARG B 109 34.21 -7.16 -4.46
CA ARG B 109 34.20 -7.16 -4.45
C ARG B 109 33.08 -6.47 -3.72
C ARG B 109 33.08 -6.47 -3.72
C ARG B 109 33.06 -6.46 -3.70
N ILE B 110 32.57 -5.34 -4.23
CA ILE B 110 31.48 -4.59 -3.58
C ILE B 110 30.26 -5.50 -3.48
N VAL B 111 29.81 -6.03 -4.59
CA VAL B 111 28.49 -6.73 -4.57
C VAL B 111 28.59 -8.06 -3.81
N LEU B 112 29.73 -8.76 -3.87
CA LEU B 112 29.92 -9.97 -3.05
C LEU B 112 29.92 -9.58 -1.57
N SER B 113 30.53 -8.47 -1.22
CA SER B 113 30.54 -8.10 0.22
C SER B 113 29.09 -7.88 0.71
N ILE B 114 28.28 -7.22 -0.09
CA ILE B 114 26.89 -6.95 0.34
C ILE B 114 26.14 -8.26 0.41
N ALA B 115 26.32 -9.14 -0.56
CA ALA B 115 25.70 -10.46 -0.51
C ALA B 115 26.13 -11.24 0.73
N SER B 116 27.40 -11.14 1.10
N SER B 116 27.40 -11.13 1.09
CA SER B 116 27.90 -11.87 2.28
CA SER B 116 27.95 -11.83 2.26
C SER B 116 27.22 -11.30 3.54
C SER B 116 27.25 -11.28 3.54
N GLY B 117 27.10 -9.98 3.66
CA GLY B 117 26.39 -9.39 4.81
C GLY B 117 24.95 -9.84 4.82
N LEU B 118 24.31 -9.83 3.67
CA LEU B 118 22.86 -10.12 3.64
C LEU B 118 22.63 -11.61 3.94
N ALA B 119 23.47 -12.49 3.43
CA ALA B 119 23.36 -13.93 3.76
C ALA B 119 23.61 -14.14 5.24
N HIS B 120 24.55 -13.43 5.82
CA HIS B 120 24.82 -13.53 7.27
C HIS B 120 23.57 -13.09 8.03
N LEU B 121 22.93 -12.01 7.62
CA LEU B 121 21.68 -11.60 8.29
C LEU B 121 20.64 -12.69 8.13
N HIS B 122 20.38 -13.17 6.92
CA HIS B 122 19.25 -14.06 6.61
C HIS B 122 19.41 -15.41 7.31
N ILE B 123 20.61 -15.91 7.47
CA ILE B 123 20.82 -17.33 7.93
C ILE B 123 20.90 -17.36 9.44
N GLU B 124 20.07 -18.20 10.05
CA GLU B 124 20.10 -18.43 11.50
C GLU B 124 21.39 -19.20 11.86
N ILE B 125 22.01 -18.81 12.96
CA ILE B 125 23.13 -19.52 13.64
C ILE B 125 22.54 -20.11 14.96
N PHE B 126 22.70 -21.43 15.14
CA PHE B 126 22.11 -22.18 16.28
C PHE B 126 23.08 -22.23 17.48
N GLY B 130 24.21 -17.62 19.71
CA GLY B 130 23.62 -17.78 18.35
C GLY B 130 23.07 -16.48 17.79
N LYS B 131 22.44 -16.55 16.62
N LYS B 131 22.43 -16.57 16.62
CA LYS B 131 21.76 -15.37 16.05
CA LYS B 131 21.79 -15.40 15.96
C LYS B 131 20.54 -15.89 15.30
C LYS B 131 20.53 -15.92 15.28
N PRO B 132 19.40 -15.24 15.51
CA PRO B 132 18.20 -15.58 14.77
C PRO B 132 18.44 -15.24 13.30
N ALA B 133 17.62 -15.80 12.43
CA ALA B 133 17.49 -15.27 11.05
C ALA B 133 16.93 -13.86 11.13
N ILE B 134 17.47 -12.97 10.28
CA ILE B 134 17.13 -11.51 10.30
C ILE B 134 16.85 -11.06 8.87
N ALA B 135 15.72 -10.40 8.68
CA ALA B 135 15.43 -9.66 7.42
C ALA B 135 15.51 -8.18 7.74
N HIS B 136 16.16 -7.45 6.84
CA HIS B 136 16.53 -6.03 7.02
C HIS B 136 15.35 -5.08 6.81
N ARG B 137 14.70 -5.19 5.66
CA ARG B 137 13.46 -4.47 5.27
C ARG B 137 13.73 -3.04 4.80
N ASP B 138 14.95 -2.54 4.80
CA ASP B 138 15.22 -1.21 4.22
C ASP B 138 16.59 -1.21 3.53
N LEU B 139 16.89 -2.22 2.76
CA LEU B 139 18.18 -2.29 2.09
C LEU B 139 18.18 -1.27 0.96
N LYS B 140 19.25 -0.49 0.87
CA LYS B 140 19.40 0.49 -0.23
C LYS B 140 20.83 1.00 -0.17
N SER B 141 21.25 1.73 -1.22
CA SER B 141 22.68 2.12 -1.28
C SER B 141 23.06 3.15 -0.21
N LYS B 142 22.11 3.91 0.33
CA LYS B 142 22.43 4.82 1.45
C LYS B 142 22.63 4.04 2.76
N ASN B 143 22.14 2.83 2.85
CA ASN B 143 22.26 2.00 4.07
C ASN B 143 23.37 0.98 3.95
N ILE B 144 24.29 1.21 3.03
CA ILE B 144 25.52 0.40 2.86
C ILE B 144 26.69 1.37 2.95
N LEU B 145 27.66 1.04 3.79
N LEU B 145 27.64 1.10 3.84
CA LEU B 145 28.85 1.89 3.99
CA LEU B 145 28.85 1.95 3.97
C LEU B 145 30.05 1.26 3.28
C LEU B 145 30.01 1.27 3.24
N VAL B 146 30.91 2.10 2.73
CA VAL B 146 32.13 1.63 2.01
C VAL B 146 33.31 1.71 2.96
N LYS B 147 34.10 0.64 2.98
CA LYS B 147 35.26 0.53 3.87
C LYS B 147 36.56 0.57 3.07
N LYS B 148 37.62 0.95 3.75
CA LYS B 148 38.89 1.22 3.06
C LYS B 148 39.45 -0.06 2.45
N ASN B 149 39.05 -1.26 2.92
CA ASN B 149 39.43 -2.56 2.31
C ASN B 149 38.64 -2.92 1.02
N GLY B 150 37.73 -2.08 0.56
CA GLY B 150 37.00 -2.26 -0.71
C GLY B 150 35.73 -3.09 -0.56
N GLN B 151 35.52 -3.52 0.64
CA GLN B 151 34.21 -4.13 0.98
C GLN B 151 33.29 -3.12 1.61
N CYS B 152 32.06 -3.58 1.72
CA CYS B 152 30.98 -2.74 2.27
C CYS B 152 30.42 -3.38 3.51
N CYS B 153 29.65 -2.61 4.24
CA CYS B 153 28.90 -3.14 5.37
C CYS B 153 27.49 -2.59 5.39
N ILE B 154 26.54 -3.44 5.76
CA ILE B 154 25.10 -3.06 5.82
C ILE B 154 24.78 -2.41 7.15
N ALA B 155 24.00 -1.36 7.09
CA ALA B 155 23.63 -0.50 8.24
C ALA B 155 22.12 -0.36 8.33
N ASP B 156 21.67 0.07 9.49
CA ASP B 156 20.29 0.49 9.83
C ASP B 156 19.41 -0.75 9.97
N LEU B 157 19.35 -1.25 11.22
CA LEU B 157 18.56 -2.46 11.54
C LEU B 157 17.29 -2.05 12.27
N GLY B 158 16.85 -0.82 12.11
CA GLY B 158 15.66 -0.35 12.84
C GLY B 158 14.32 -0.93 12.36
N LEU B 159 14.27 -1.54 11.21
CA LEU B 159 13.05 -2.14 10.68
C LEU B 159 13.14 -3.65 10.65
N ALA B 160 14.23 -4.22 11.18
CA ALA B 160 14.51 -5.67 10.98
C ALA B 160 13.41 -6.55 11.64
N VAL B 161 13.25 -7.70 11.07
CA VAL B 161 12.37 -8.81 11.57
C VAL B 161 13.26 -9.98 11.90
N MET B 162 12.98 -10.63 13.02
CA MET B 162 13.81 -11.78 13.44
C MET B 162 12.96 -13.05 13.50
N HIS B 163 13.61 -14.17 13.20
CA HIS B 163 12.90 -15.48 13.19
C HIS B 163 13.85 -16.53 13.71
N SER B 164 13.30 -17.45 14.51
CA SER B 164 14.04 -18.67 14.87
C SER B 164 13.24 -19.92 14.50
N GLN B 165 13.80 -20.76 13.63
CA GLN B 165 13.09 -22.01 13.25
C GLN B 165 13.18 -22.99 14.42
N SER B 166 14.18 -22.86 15.27
CA SER B 166 14.39 -23.81 16.41
C SER B 166 13.24 -23.69 17.39
N THR B 167 12.72 -22.50 17.62
CA THR B 167 11.66 -22.25 18.61
C THR B 167 10.36 -21.85 17.93
N ASN B 168 10.37 -21.76 16.59
CA ASN B 168 9.17 -21.36 15.84
C ASN B 168 8.66 -20.00 16.34
N GLN B 169 9.55 -19.01 16.37
CA GLN B 169 9.20 -17.65 16.84
C GLN B 169 9.51 -16.65 15.72
N LEU B 170 8.55 -15.79 15.46
CA LEU B 170 8.67 -14.67 14.51
C LEU B 170 8.51 -13.39 15.31
N ASP B 171 9.50 -12.53 15.24
CA ASP B 171 9.47 -11.24 15.98
C ASP B 171 9.48 -10.10 14.97
N VAL B 172 8.33 -9.51 14.69
CA VAL B 172 8.16 -8.43 13.66
C VAL B 172 8.36 -7.07 14.32
N GLY B 173 8.53 -7.03 15.62
CA GLY B 173 8.75 -5.78 16.37
C GLY B 173 7.52 -4.92 16.34
N ASN B 174 7.67 -3.72 16.89
CA ASN B 174 6.62 -2.68 16.95
C ASN B 174 7.22 -1.44 16.29
N ASN B 175 7.12 -1.34 14.99
CA ASN B 175 7.62 -0.11 14.32
C ASN B 175 6.74 0.13 13.12
N PRO B 176 5.97 1.24 13.08
CA PRO B 176 5.10 1.51 11.94
C PRO B 176 5.83 2.17 10.76
N ARG B 177 7.13 2.45 10.91
CA ARG B 177 8.00 2.81 9.77
C ARG B 177 7.85 1.77 8.67
N VAL B 178 7.91 2.25 7.42
CA VAL B 178 7.99 1.38 6.23
C VAL B 178 9.30 1.64 5.48
N GLY B 179 9.61 0.72 4.60
CA GLY B 179 10.83 0.82 3.80
C GLY B 179 10.86 2.06 2.92
N THR B 180 12.04 2.38 2.44
CA THR B 180 12.25 3.47 1.47
C THR B 180 11.44 3.16 0.23
N LYS B 181 10.62 4.14 -0.21
CA LYS B 181 9.58 3.83 -1.22
C LYS B 181 10.21 3.33 -2.52
N ARG B 182 11.29 3.96 -2.95
CA ARG B 182 11.90 3.61 -4.24
C ARG B 182 12.35 2.18 -4.33
N TYR B 183 12.65 1.56 -3.17
CA TYR B 183 13.20 0.20 -3.14
C TYR B 183 12.16 -0.87 -2.74
N MET B 184 10.90 -0.46 -2.57
CA MET B 184 9.87 -1.40 -2.07
C MET B 184 9.51 -2.40 -3.15
N ALA B 185 9.45 -3.69 -2.76
CA ALA B 185 9.02 -4.80 -3.63
C ALA B 185 7.56 -4.63 -4.04
N PRO B 186 7.15 -5.27 -5.13
CA PRO B 186 5.74 -5.20 -5.57
C PRO B 186 4.75 -5.56 -4.46
N GLU B 187 5.03 -6.60 -3.68
CA GLU B 187 4.10 -7.08 -2.62
C GLU B 187 4.07 -6.11 -1.47
N VAL B 188 5.09 -5.28 -1.30
CA VAL B 188 5.06 -4.22 -0.28
C VAL B 188 4.18 -3.05 -0.83
N LEU B 189 4.40 -2.71 -2.09
CA LEU B 189 3.68 -1.57 -2.70
C LEU B 189 2.20 -1.89 -2.88
N ASP B 190 1.85 -3.13 -3.13
CA ASP B 190 0.42 -3.46 -3.32
C ASP B 190 -0.15 -3.97 -2.00
N GLU B 191 0.67 -4.06 -0.94
CA GLU B 191 0.23 -4.41 0.41
C GLU B 191 -0.36 -5.82 0.45
N THR B 192 0.03 -6.71 -0.43
CA THR B 192 -0.39 -8.13 -0.33
C THR B 192 0.62 -9.00 0.42
N ILE B 193 1.80 -8.49 0.74
CA ILE B 193 2.82 -9.25 1.49
C ILE B 193 2.15 -9.94 2.66
N GLN B 194 2.60 -11.19 2.85
CA GLN B 194 2.11 -12.09 3.92
C GLN B 194 2.87 -11.73 5.19
N VAL B 195 2.29 -10.95 6.08
CA VAL B 195 3.01 -10.31 7.22
C VAL B 195 3.46 -11.32 8.29
N ASP B 196 2.91 -12.54 8.31
CA ASP B 196 3.24 -13.50 9.40
C ASP B 196 4.17 -14.57 8.84
N CYS B 197 4.81 -14.29 7.69
CA CYS B 197 5.66 -15.24 6.97
CA CYS B 197 5.71 -15.27 7.02
C CYS B 197 7.09 -14.68 6.92
N PHE B 198 8.03 -15.27 7.63
CA PHE B 198 9.42 -14.73 7.66
C PHE B 198 9.99 -14.70 6.25
N ASP B 199 9.78 -15.74 5.46
CA ASP B 199 10.36 -15.81 4.12
C ASP B 199 9.90 -14.61 3.29
N SER B 200 8.68 -14.11 3.53
CA SER B 200 8.24 -12.91 2.79
C SER B 200 9.23 -11.79 3.00
N TYR B 201 9.72 -11.56 4.19
CA TYR B 201 10.60 -10.40 4.44
C TYR B 201 11.97 -10.63 3.78
N LYS B 202 12.48 -11.86 3.78
CA LYS B 202 13.76 -12.14 3.13
C LYS B 202 13.61 -11.81 1.64
N ARG B 203 12.46 -12.12 1.06
CA ARG B 203 12.24 -11.93 -0.39
C ARG B 203 12.14 -10.43 -0.73
N VAL B 204 11.68 -9.63 0.18
CA VAL B 204 11.70 -8.16 0.04
C VAL B 204 13.13 -7.66 0.01
N ASP B 205 14.01 -8.19 0.85
CA ASP B 205 15.42 -7.82 0.83
C ASP B 205 16.06 -8.18 -0.50
N ILE B 206 15.69 -9.33 -1.06
CA ILE B 206 16.26 -9.78 -2.34
C ILE B 206 15.92 -8.82 -3.46
N TRP B 207 14.66 -8.39 -3.52
CA TRP B 207 14.23 -7.38 -4.50
C TRP B 207 15.15 -6.16 -4.37
N ALA B 208 15.29 -5.64 -3.17
CA ALA B 208 16.06 -4.42 -2.96
C ALA B 208 17.52 -4.67 -3.31
N PHE B 209 18.06 -5.83 -2.97
CA PHE B 209 19.46 -6.12 -3.33
CA PHE B 209 19.45 -6.21 -3.33
C PHE B 209 19.61 -6.11 -4.84
N GLY B 210 18.64 -6.65 -5.60
CA GLY B 210 18.72 -6.54 -7.07
C GLY B 210 18.86 -5.12 -7.52
N LEU B 211 18.06 -4.25 -6.95
CA LEU B 211 18.17 -2.81 -7.29
C LEU B 211 19.57 -2.28 -6.98
N VAL B 212 20.14 -2.59 -5.83
CA VAL B 212 21.49 -2.12 -5.47
C VAL B 212 22.49 -2.72 -6.47
N LEU B 213 22.35 -3.99 -6.86
N LEU B 213 22.32 -3.98 -6.85
CA LEU B 213 23.25 -4.59 -7.89
CA LEU B 213 23.24 -4.61 -7.82
C LEU B 213 23.22 -3.71 -9.14
C LEU B 213 23.20 -3.83 -9.15
N TRP B 214 22.02 -3.36 -9.58
CA TRP B 214 21.85 -2.57 -10.81
C TRP B 214 22.58 -1.23 -10.61
N GLU B 215 22.42 -0.57 -9.46
CA GLU B 215 23.03 0.75 -9.24
C GLU B 215 24.55 0.64 -9.37
N VAL B 216 25.11 -0.41 -8.83
CA VAL B 216 26.58 -0.65 -8.82
C VAL B 216 27.04 -0.98 -10.23
N ALA B 217 26.38 -1.91 -10.87
CA ALA B 217 26.83 -2.42 -12.19
C ALA B 217 26.88 -1.31 -13.19
N ARG B 218 25.96 -0.36 -13.15
CA ARG B 218 25.97 0.80 -14.06
C ARG B 218 27.30 1.56 -14.01
N ARG B 219 27.96 1.53 -12.88
CA ARG B 219 29.21 2.28 -12.65
C ARG B 219 30.42 1.43 -13.00
N MET B 220 30.29 0.20 -13.42
CA MET B 220 31.43 -0.64 -13.84
C MET B 220 31.73 -0.36 -15.32
N VAL B 221 32.96 0.03 -15.62
CA VAL B 221 33.37 0.34 -17.02
C VAL B 221 33.50 -0.96 -17.81
N SER B 222 33.01 -0.96 -19.04
CA SER B 222 33.34 -2.03 -20.01
C SER B 222 33.51 -1.36 -21.37
N ASN B 223 34.57 -1.72 -22.08
CA ASN B 223 34.76 -1.27 -23.48
C ASN B 223 34.69 0.26 -23.54
N GLY B 224 35.21 0.94 -22.52
CA GLY B 224 35.30 2.41 -22.49
C GLY B 224 33.96 3.10 -22.23
N ILE B 225 32.95 2.35 -21.80
CA ILE B 225 31.57 2.89 -21.61
C ILE B 225 31.21 2.68 -20.13
N VAL B 226 30.52 3.64 -19.57
CA VAL B 226 29.93 3.50 -18.22
C VAL B 226 28.65 4.34 -18.21
N GLU B 227 27.69 3.97 -17.39
CA GLU B 227 26.52 4.84 -17.19
C GLU B 227 26.74 5.81 -16.02
N ASP B 228 26.04 6.94 -16.08
CA ASP B 228 26.05 7.86 -14.93
C ASP B 228 25.30 7.18 -13.77
N TYR B 229 25.62 7.59 -12.56
CA TYR B 229 24.86 7.15 -11.38
C TYR B 229 23.43 7.64 -11.56
N LYS B 230 22.49 6.70 -11.36
CA LYS B 230 21.07 7.04 -11.22
C LYS B 230 20.48 6.10 -10.16
N PRO B 231 19.50 6.59 -9.40
CA PRO B 231 18.78 5.72 -8.47
C PRO B 231 17.78 4.86 -9.23
N PRO B 232 17.33 3.74 -8.65
CA PRO B 232 16.36 2.88 -9.31
C PRO B 232 15.06 3.65 -9.64
N PHE B 233 14.62 3.44 -10.85
CA PHE B 233 13.35 4.00 -11.42
C PHE B 233 13.47 5.50 -11.66
N TYR B 234 14.66 6.07 -11.72
CA TYR B 234 14.89 7.52 -11.94
C TYR B 234 14.09 8.00 -13.16
N ASP B 235 13.97 7.19 -14.18
CA ASP B 235 13.42 7.59 -15.51
C ASP B 235 11.89 7.61 -15.51
N VAL B 236 11.22 6.94 -14.57
CA VAL B 236 9.79 6.59 -14.72
C VAL B 236 8.94 7.17 -13.58
N VAL B 237 9.53 7.73 -12.54
CA VAL B 237 8.75 8.33 -11.43
C VAL B 237 9.15 9.77 -11.24
N PRO B 238 8.29 10.60 -10.61
CA PRO B 238 8.69 11.94 -10.20
C PRO B 238 9.87 11.92 -9.24
N ASN B 239 10.54 13.07 -9.14
CA ASN B 239 11.42 13.33 -7.99
C ASN B 239 10.66 13.10 -6.69
N ASP B 240 11.32 12.58 -5.68
CA ASP B 240 10.70 12.38 -4.37
C ASP B 240 9.42 11.58 -4.58
N PRO B 241 9.51 10.39 -5.20
CA PRO B 241 8.32 9.60 -5.51
C PRO B 241 7.50 9.20 -4.28
N SER B 242 6.19 9.27 -4.45
CA SER B 242 5.24 8.80 -3.43
C SER B 242 5.10 7.27 -3.50
N PHE B 243 4.54 6.72 -2.44
CA PHE B 243 4.14 5.31 -2.40
C PHE B 243 3.33 4.95 -3.66
N GLU B 244 2.31 5.77 -3.99
CA GLU B 244 1.49 5.47 -5.15
C GLU B 244 2.26 5.61 -6.46
N ASP B 245 3.22 6.55 -6.52
CA ASP B 245 4.06 6.70 -7.75
C ASP B 245 4.78 5.37 -7.98
N MET B 246 5.36 4.84 -6.89
CA MET B 246 6.13 3.59 -7.02
C MET B 246 5.23 2.41 -7.31
N ARG B 247 4.06 2.36 -6.66
CA ARG B 247 3.11 1.29 -6.96
C ARG B 247 2.71 1.30 -8.45
N LYS B 248 2.52 2.50 -9.01
CA LYS B 248 2.16 2.62 -10.43
C LYS B 248 3.21 1.91 -11.29
N VAL B 249 4.48 2.27 -11.09
CA VAL B 249 5.50 1.79 -12.06
C VAL B 249 5.79 0.31 -11.80
N VAL B 250 5.86 -0.09 -10.54
CA VAL B 250 6.29 -1.48 -10.22
C VAL B 250 5.13 -2.45 -10.38
N CYS B 251 3.96 -2.11 -9.85
CA CYS B 251 2.83 -3.03 -9.80
C CYS B 251 1.91 -2.89 -11.04
N VAL B 252 1.53 -1.68 -11.41
CA VAL B 252 0.58 -1.45 -12.53
C VAL B 252 1.34 -1.63 -13.85
N ASP B 253 2.46 -0.92 -14.04
CA ASP B 253 3.23 -0.85 -15.30
C ASP B 253 4.19 -2.04 -15.40
N GLN B 254 4.40 -2.80 -14.33
CA GLN B 254 5.33 -3.97 -14.26
C GLN B 254 6.73 -3.56 -14.69
N GLN B 255 7.17 -2.38 -14.35
CA GLN B 255 8.49 -1.88 -14.80
C GLN B 255 9.58 -2.54 -13.95
N ARG B 256 10.73 -2.73 -14.57
CA ARG B 256 11.97 -3.12 -13.89
C ARG B 256 13.06 -2.26 -14.46
N PRO B 257 14.15 -2.01 -13.73
CA PRO B 257 15.25 -1.26 -14.30
C PRO B 257 15.72 -1.87 -15.61
N ASN B 258 16.03 -0.96 -16.52
CA ASN B 258 16.48 -1.37 -17.84
C ASN B 258 17.97 -1.78 -17.76
N ILE B 259 18.28 -2.77 -18.56
CA ILE B 259 19.68 -3.28 -18.71
C ILE B 259 20.30 -2.58 -19.89
N PRO B 260 21.33 -1.73 -19.71
CA PRO B 260 21.99 -1.09 -20.85
C PRO B 260 22.54 -2.19 -21.77
N ASN B 261 22.31 -2.04 -23.07
CA ASN B 261 22.76 -3.07 -24.02
C ASN B 261 24.27 -3.23 -24.02
N ARG B 262 25.05 -2.22 -23.67
CA ARG B 262 26.52 -2.40 -23.64
C ARG B 262 26.92 -3.47 -22.66
N TRP B 263 26.11 -3.78 -21.66
CA TRP B 263 26.47 -4.83 -20.68
C TRP B 263 26.66 -6.17 -21.38
N PHE B 264 25.95 -6.42 -22.47
CA PHE B 264 25.88 -7.78 -23.06
C PHE B 264 27.18 -8.07 -23.80
N SER B 265 28.08 -7.08 -23.99
CA SER B 265 29.41 -7.32 -24.56
C SER B 265 30.41 -7.75 -23.49
N ASP B 266 30.08 -7.63 -22.21
CA ASP B 266 31.01 -7.93 -21.10
C ASP B 266 30.49 -9.14 -20.32
N PRO B 267 31.29 -10.21 -20.13
CA PRO B 267 30.78 -11.41 -19.49
C PRO B 267 30.32 -11.15 -18.04
N THR B 268 31.02 -10.32 -17.32
CA THR B 268 30.71 -10.00 -15.92
C THR B 268 29.34 -9.31 -15.85
N LEU B 269 29.17 -8.26 -16.65
CA LEU B 269 27.92 -7.51 -16.59
C LEU B 269 26.77 -8.37 -17.14
N THR B 270 27.04 -9.25 -18.10
CA THR B 270 26.00 -10.18 -18.62
C THR B 270 25.58 -11.08 -17.45
N SER B 271 26.50 -11.65 -16.69
CA SER B 271 26.18 -12.48 -15.51
C SER B 271 25.42 -11.66 -14.47
N LEU B 272 25.83 -10.43 -14.20
CA LEU B 272 25.14 -9.60 -13.20
C LEU B 272 23.71 -9.27 -13.64
N ALA B 273 23.50 -8.97 -14.93
CA ALA B 273 22.13 -8.70 -15.43
C ALA B 273 21.27 -9.92 -15.15
N LYS B 274 21.79 -11.13 -15.38
CA LYS B 274 20.99 -12.35 -15.18
C LYS B 274 20.65 -12.43 -13.69
N LEU B 275 21.60 -12.13 -12.83
CA LEU B 275 21.39 -12.25 -11.38
C LEU B 275 20.37 -11.24 -10.93
N MET B 276 20.46 -9.98 -11.37
CA MET B 276 19.52 -8.97 -10.83
C MET B 276 18.12 -9.30 -11.36
N LYS B 277 17.97 -9.84 -12.57
CA LYS B 277 16.62 -10.21 -13.06
C LYS B 277 16.04 -11.33 -12.20
N GLU B 278 16.85 -12.19 -11.62
CA GLU B 278 16.35 -13.29 -10.76
C GLU B 278 16.03 -12.77 -9.34
N CYS B 279 16.30 -11.51 -9.05
CA CYS B 279 15.85 -10.85 -7.82
C CYS B 279 14.52 -10.11 -8.00
N TRP B 280 14.03 -9.95 -9.23
CA TRP B 280 12.92 -9.05 -9.60
C TRP B 280 11.66 -9.77 -10.08
N TYR B 281 11.59 -11.06 -9.89
CA TYR B 281 10.31 -11.73 -10.24
C TYR B 281 9.18 -11.11 -9.44
N GLN B 282 7.96 -10.91 -10.01
CA GLN B 282 6.80 -10.46 -9.20
C GLN B 282 6.44 -11.59 -8.23
N ASN B 283 6.61 -12.84 -8.62
CA ASN B 283 6.41 -13.98 -7.68
C ASN B 283 7.55 -14.01 -6.68
N PRO B 284 7.29 -13.65 -5.40
CA PRO B 284 8.44 -13.55 -4.48
C PRO B 284 9.19 -14.86 -4.30
N SER B 285 8.47 -16.00 -4.35
CA SER B 285 9.09 -17.33 -4.11
C SER B 285 10.00 -17.76 -5.27
N ALA B 286 9.91 -17.10 -6.43
CA ALA B 286 10.78 -17.38 -7.57
C ALA B 286 12.15 -16.72 -7.41
N ARG B 287 12.25 -15.71 -6.55
CA ARG B 287 13.50 -14.95 -6.39
C ARG B 287 14.60 -15.83 -5.81
N LEU B 288 15.85 -15.55 -6.15
CA LEU B 288 17.02 -16.24 -5.57
C LEU B 288 17.10 -15.96 -4.06
N THR B 289 17.77 -16.82 -3.33
CA THR B 289 18.11 -16.59 -1.93
C THR B 289 19.42 -15.83 -1.83
N ALA B 290 19.66 -15.21 -0.67
CA ALA B 290 20.90 -14.49 -0.42
C ALA B 290 22.07 -15.48 -0.53
N LEU B 291 21.92 -16.68 0.01
CA LEU B 291 23.05 -17.65 -0.08
C LEU B 291 23.33 -17.98 -1.54
N ARG B 292 22.33 -18.17 -2.37
CA ARG B 292 22.55 -18.50 -3.80
C ARG B 292 23.21 -17.31 -4.46
N ILE B 293 22.81 -16.08 -4.15
CA ILE B 293 23.45 -14.90 -4.76
C ILE B 293 24.93 -14.90 -4.37
N LYS B 294 25.21 -15.10 -3.11
CA LYS B 294 26.62 -15.11 -2.63
C LYS B 294 27.40 -16.19 -3.40
N LYS B 295 26.82 -17.37 -3.55
CA LYS B 295 27.55 -18.47 -4.25
C LYS B 295 27.77 -18.05 -5.69
N THR B 296 26.77 -17.50 -6.35
CA THR B 296 26.90 -17.09 -7.77
C THR B 296 27.99 -16.03 -7.93
N LEU B 297 28.04 -15.04 -7.05
CA LEU B 297 29.02 -13.94 -7.13
C LEU B 297 30.43 -14.43 -6.80
N THR B 298 30.54 -15.49 -6.00
CA THR B 298 31.82 -16.11 -5.67
C THR B 298 32.39 -16.74 -6.95
N LYS B 299 31.53 -17.27 -7.83
CA LYS B 299 31.95 -17.98 -9.07
C LYS B 299 32.19 -16.99 -10.23
N ILE B 300 31.50 -15.85 -10.28
CA ILE B 300 31.60 -14.84 -11.40
C ILE B 300 32.96 -14.16 -11.31
N ASP B 301 33.62 -13.87 -12.44
CA ASP B 301 34.89 -13.06 -12.47
C ASP B 301 34.87 -12.05 -13.65
C10 LU8 C . -24.65 13.76 -7.91
C13 LU8 C . -27.30 12.14 -10.16
C15 LU8 C . -28.44 12.95 -12.30
C17 LU8 C . -30.79 13.47 -13.15
C20 LU8 C . -29.90 11.26 -13.64
C21 LU8 C . -28.84 11.47 -12.55
C22 LU8 C . -26.68 14.29 -11.09
C24 LU8 C . -24.84 13.39 -6.58
C26 LU8 C . -24.18 11.90 -3.89
C01 LU8 C . -23.62 15.95 -1.10
C03 LU8 C . -23.88 13.72 -1.86
C04 LU8 C . -23.76 14.13 -3.20
C05 LU8 C . -23.91 13.23 -4.23
C06 LU8 C . -23.82 13.60 -5.65
C07 LU8 C . -22.68 14.25 -6.08
C09 LU8 C . -23.45 14.36 -8.24
C11 LU8 C . -25.67 13.55 -9.03
C12 LU8 C . -26.39 12.36 -9.11
C14 LU8 C . -27.46 13.14 -11.10
C16 LU8 C . -29.71 13.73 -12.05
C19 LU8 C . -31.86 11.43 -12.15
C23 LU8 C . -25.78 14.53 -9.99
C25 LU8 C . -26.17 12.79 -6.10
C27 LU8 C . -24.27 11.48 -2.57
C29 LU8 C . -24.77 9.21 -3.20
C30 LU8 C . -24.17 12.40 -1.55
C32 LU8 C . -23.07 11.84 0.41
N08 LU8 C . -22.50 14.62 -7.38
N18 LU8 C . -31.12 12.02 -13.29
O02 LU8 C . -23.78 14.56 -0.79
O28 LU8 C . -24.49 10.18 -2.16
O31 LU8 C . -24.27 11.98 -0.25
C1 EDO D . -12.76 12.91 -5.24
O1 EDO D . -13.06 11.62 -5.42
C2 EDO D . -13.95 13.20 -6.06
O2 EDO D . -14.94 13.98 -5.51
C1 EDO E . -29.90 -16.21 -9.13
O1 EDO E . -30.96 -16.29 -10.15
C2 EDO E . -29.99 -15.00 -8.24
O2 EDO E . -30.20 -13.65 -8.90
C1 EDO F . -35.24 -22.48 7.44
O1 EDO F . -33.79 -22.47 7.63
C2 EDO F . -35.81 -21.22 6.92
O2 EDO F . -35.15 -20.12 7.47
C1 EDO G . -36.32 -6.14 -8.35
O1 EDO G . -35.79 -7.21 -7.74
C2 EDO G . -36.96 -6.41 -9.64
O2 EDO G . -37.47 -5.15 -9.95
S DMS H . -10.63 21.65 -5.69
O DMS H . -10.83 22.19 -4.27
C1 DMS H . -9.25 22.48 -6.42
C2 DMS H . -9.95 20.02 -5.53
O1 TLA I . -34.22 30.45 10.34
O11 TLA I . -34.87 32.38 9.47
C1 TLA I . -34.91 31.14 9.56
C2 TLA I . -35.89 30.39 8.66
O2 TLA I . -36.90 31.26 8.18
C3 TLA I . -36.51 29.23 9.43
O3 TLA I . -37.32 29.72 10.48
C4 TLA I . -37.30 28.30 8.50
O4 TLA I . -37.74 27.24 9.00
O41 TLA I . -37.45 28.65 7.31
C10 LU8 J . -13.15 30.28 4.34
C13 LU8 J . -9.93 29.00 5.80
C15 LU8 J . -8.21 29.86 7.34
C17 LU8 J . -5.80 30.27 7.40
C20 LU8 J . -6.97 30.00 9.50
C21 LU8 J . -8.35 30.17 8.79
C22 LU8 J . -10.31 31.18 6.64
C24 LU8 J . -14.20 29.37 4.52
C26 LU8 J . -17.19 28.98 5.35
C01 LU8 J . -18.67 26.60 1.17
C03 LU8 J . -18.61 27.65 3.37
C04 LU8 J . -17.40 28.22 3.02
C05 LU8 J . -16.66 28.88 3.99
C06 LU8 J . -15.37 29.62 3.83
C07 LU8 J . -15.50 30.76 3.00
C09 LU8 J . -13.33 31.38 3.48
C11 LU8 J . -11.87 30.14 5.05
C12 LU8 J . -11.08 29.04 5.06
C14 LU8 J . -9.51 30.06 6.60
C16 LU8 J . -7.12 30.68 6.71
C19 LU8 J . -4.55 30.50 9.40
C23 LU8 J . -11.48 31.23 5.88
C25 LU8 J . -14.04 28.14 5.37
C27 LU8 J . -18.42 28.36 5.66
C29 LU8 J . -18.22 28.87 7.99
C30 LU8 J . -19.11 27.72 4.64
C32 LU8 J . -20.34 25.74 5.05
N08 LU8 J . -14.49 31.61 2.82
N18 LU8 J . -5.88 30.73 8.78
O02 LU8 J . -19.36 26.98 2.39
O28 LU8 J . -19.02 28.36 6.90
O31 LU8 J . -20.33 27.18 4.89
C10 LU8 K . -8.72 29.05 2.42
C13 LU8 K . -5.22 29.23 3.74
C15 LU8 K . -3.82 27.83 5.26
C17 LU8 K . -1.32 27.42 4.97
C20 LU8 K . -2.49 26.70 7.02
C21 LU8 K . -3.79 26.66 6.19
C22 LU8 K . -6.22 27.24 4.67
C24 LU8 K . -9.55 28.15 1.68
C26 LU8 K . -12.38 26.68 1.04
C01 LU8 K . -11.35 27.22 -3.83
C03 LU8 K . -12.22 26.58 -1.72
C04 LU8 K . -11.51 27.53 -1.03
C05 LU8 K . -11.56 27.61 0.34
C06 LU8 K . -10.71 28.60 1.07
C07 LU8 K . -11.12 29.94 1.24
C09 LU8 K . -9.20 30.34 2.51
C11 LU8 K . -7.45 28.71 3.12
C12 LU8 K . -6.35 29.58 3.08
C14 LU8 K . -5.11 28.08 4.56
C16 LU8 K . -2.69 27.55 4.29
C19 LU8 K . -1.38 28.92 6.94
C23 LU8 K . -7.36 27.57 3.94
C25 LU8 K . -9.08 26.73 1.45
C27 LU8 K . -13.11 25.81 0.35
C29 LU8 K . -14.07 24.88 2.34
C30 LU8 K . -13.00 25.69 -1.01
C32 LU8 K . -15.00 24.82 -2.10
N08 LU8 K . -10.31 30.78 1.95
N18 LU8 K . -1.37 27.52 6.44
O02 LU8 K . -12.27 26.38 -3.08
O28 LU8 K . -13.93 24.84 0.93
O31 LU8 K . -13.67 24.71 -1.68
O1 09V L . -16.39 8.72 -17.04
O1 09V L . -16.44 8.84 -19.06
C1 09V L . -16.54 9.43 -18.26
C1 09V L . -16.70 8.86 -17.67
C2 09V L . -15.81 8.64 -19.36
C2 09V L . -17.55 7.63 -17.32
C3 09V L . -14.78 9.43 -20.18
C3 09V L . -17.07 6.67 -16.21
C4 09V L . -16.12 9.07 -20.80
C4 09V L . -16.89 6.27 -17.67
S SO4 M . -15.69 15.42 -12.49
O1 SO4 M . -14.97 15.48 -11.28
O2 SO4 M . -14.86 14.86 -13.53
O3 SO4 M . -16.86 14.60 -12.33
O4 SO4 M . -16.16 16.74 -12.93
S SO4 N . -27.36 -17.45 -20.17
O1 SO4 N . -26.19 -18.19 -19.85
O2 SO4 N . -27.11 -16.71 -21.34
O3 SO4 N . -27.74 -16.69 -19.06
O4 SO4 N . -28.47 -18.35 -20.48
S SO4 O . -34.68 -1.70 -4.00
O1 SO4 O . -33.51 -2.46 -3.64
O2 SO4 O . -35.60 -2.50 -4.84
O3 SO4 O . -34.31 -0.45 -4.70
O4 SO4 O . -35.35 -1.36 -2.76
C1 EDO P . -6.24 10.10 4.01
O1 EDO P . -7.33 10.13 3.12
C2 EDO P . -6.54 10.17 5.42
O2 EDO P . -5.95 11.33 5.97
C1 EDO Q . -8.77 34.28 11.37
O1 EDO Q . -8.37 35.00 10.22
C2 EDO Q . -9.32 32.95 11.02
O2 EDO Q . -10.34 32.99 10.04
C1 EDO R . -19.33 -16.73 -28.00
O1 EDO R . -18.15 -16.68 -28.84
C2 EDO R . -19.54 -15.58 -27.02
O2 EDO R . -20.66 -14.79 -27.20
C1 EDO S . -34.20 6.57 -1.15
O1 EDO S . -35.50 6.67 -1.71
C2 EDO S . -34.20 6.26 0.29
O2 EDO S . -32.93 6.42 0.97
C1 EDO T . -33.08 -10.52 -18.35
O1 EDO T . -33.23 -11.70 -17.57
C2 EDO T . -31.87 -9.68 -18.05
O2 EDO T . -30.61 -10.32 -18.29
C10 LU8 U . 28.79 7.61 7.74
C13 LU8 U . 30.25 10.57 5.87
C15 LU8 U . 29.73 11.73 3.81
C17 LU8 U . 29.74 12.41 1.38
C20 LU8 U . 29.38 14.06 3.14
C21 LU8 U . 28.93 12.95 4.13
C22 LU8 U . 28.32 9.78 4.66
C24 LU8 U . 27.57 7.22 8.27
C26 LU8 U . 25.25 5.21 8.93
C01 LU8 U . 25.63 5.59 13.93
C03 LU8 U . 24.86 5.16 11.64
C04 LU8 U . 26.03 5.62 11.15
C05 LU8 U . 26.30 5.66 9.79
C06 LU8 U . 27.61 6.17 9.24
C07 LU8 U . 28.79 5.57 9.61
C09 LU8 U . 29.92 6.98 8.18
C11 LU8 U . 28.95 8.69 6.72
C12 LU8 U . 30.05 9.56 6.83
C14 LU8 U . 29.39 10.66 4.82
C16 LU8 U . 29.42 11.28 2.40
C19 LU8 U . 27.59 13.57 1.58
C23 LU8 U . 28.12 8.79 5.61
C25 LU8 U . 26.29 7.97 7.88
C27 LU8 U . 24.08 4.71 9.46
C29 LU8 U . 23.18 4.39 7.32
C30 LU8 U . 23.86 4.70 10.81
C32 LU8 U . 22.65 2.92 11.71
N08 LU8 U . 29.95 5.98 9.07
N18 LU8 U . 29.07 13.66 1.77
O02 LU8 U . 24.63 5.09 13.01
O28 LU8 U . 23.02 4.26 8.73
O31 LU8 U . 22.67 4.29 11.36
S SO4 V . 37.22 1.87 7.47
O1 SO4 V . 37.96 2.94 8.02
O2 SO4 V . 38.02 1.09 6.60
O3 SO4 V . 36.72 0.97 8.51
O4 SO4 V . 36.06 2.41 6.74
C1 EDO W . 12.11 0.94 -16.60
O1 EDO W . 12.17 2.11 -17.54
C2 EDO W . 12.18 1.29 -15.18
O2 EDO W . 13.20 2.25 -14.69
S DMS X . 25.93 -25.71 -4.89
O DMS X . 26.26 -24.27 -5.21
C1 DMS X . 25.03 -25.71 -3.37
C2 DMS X . 24.59 -26.19 -5.97
O1 09V Y . 37.30 0.13 -3.06
C1 09V Y . 36.20 0.97 -3.30
C2 09V Y . 34.91 0.24 -2.97
C3 09V Y . 34.69 -0.36 -1.58
C4 09V Y . 35.24 -1.20 -2.72
S SO4 Z . 15.58 11.40 5.19
O1 SO4 Z . 17.02 11.59 5.07
O2 SO4 Z . 15.03 10.76 4.03
O3 SO4 Z . 14.95 12.68 5.38
O4 SO4 Z . 15.28 10.58 6.35
S SO4 AA . 11.26 7.59 1.93
O1 SO4 AA . 12.64 7.95 1.78
O2 SO4 AA . 10.87 6.71 0.92
O3 SO4 AA . 11.13 6.93 3.23
O4 SO4 AA . 10.44 8.79 1.91
C1 EDO BA . 31.94 -1.52 10.72
O1 EDO BA . 33.42 -1.44 10.65
C2 EDO BA . 32.21 -2.73 10.43
O2 EDO BA . 32.20 -3.08 11.81
C1 EDO CA . 6.44 -13.23 -12.06
O1 EDO CA . 7.29 -14.10 -11.31
C2 EDO CA . 6.81 -13.10 -13.51
O2 EDO CA . 8.09 -12.51 -13.73
C1 EDO DA . 36.19 5.45 -18.34
O1 EDO DA . 36.44 4.55 -19.41
C2 EDO DA . 34.83 6.03 -18.45
O2 EDO DA . 34.27 5.90 -19.77
#